data_8T04
#
_entry.id   8T04
#
_cell.length_a   1.00
_cell.length_b   1.00
_cell.length_c   1.00
_cell.angle_alpha   90.00
_cell.angle_beta   90.00
_cell.angle_gamma   90.00
#
_symmetry.space_group_name_H-M   'P 1'
#
loop_
_entity.id
_entity.type
_entity.pdbx_description
1 polymer 'Protein myomaker'
2 polymer '18G7 Fab heavy chain'
3 polymer '18G7 Fab light chain'
4 non-polymer 'ZINC ION'
5 non-polymer CHOLESTEROL
6 non-polymer 1-palmitoyl-2-oleoyl-sn-glycero-3-phosphocholine
#
loop_
_entity_poly.entity_id
_entity_poly.type
_entity_poly.pdbx_seq_one_letter_code
_entity_poly.pdbx_strand_id
1 'polypeptide(L)'
;MGTVVAKLLLPTLSSLAFLPTVSIATKRRFYMEAMVYLFTMFFVAFSHACDGPGLSVLCFMRRDILEYFSIYGTALSMWV
SLMALADFDEPQRSTFTMLGVLTIAVRTFHDRWGYGVYSGPIGTATLIIAVKWLKKMKEKKGLYPDKSIYTQQIGPGLCF
GALALMLRFFFEEWDYTYVHSFYHCALAMSFVLLLPKVNKKAGNAGAPAKLTFSTLCCTCV
;
A,B
2 'polypeptide(L)'
;QVTLKESGPGILQPSQTLSLTCSFSGFSLSTSGMGVSWIRKPSGKGLEWLAHIFWDDDKRYNPSLKSRLTISKDTSSNQV
FLMITSIDTADTATYYCARRTWLLHAMDYWGQGTSVTVSS
;
C,E
3 'polypeptide(L)'
;DIQMTQSPSSLSASLGGKVTITCKASQDINEYIAWYQHKPGKGPRLLIHYTSTLQPGIPSRFSGSGSGRDYSFSISNLEP
EDIATYYCLQYDNLLWTFGGGTKLEIK
;
D,F
#
loop_
_chem_comp.id
_chem_comp.type
_chem_comp.name
_chem_comp.formula
CLR non-polymer CHOLESTEROL 'C27 H46 O'
LBN non-polymer 1-palmitoyl-2-oleoyl-sn-glycero-3-phosphocholine 'C42 H82 N O8 P'
ZN non-polymer 'ZINC ION' 'Zn 2'
#
# COMPACT_ATOMS: atom_id res chain seq x y z
N VAL A 5 28.64 -9.30 41.84
CA VAL A 5 27.79 -10.46 42.29
C VAL A 5 26.58 -10.57 41.34
N ALA A 6 26.31 -11.79 40.85
CA ALA A 6 25.36 -12.09 39.76
C ALA A 6 23.90 -11.82 40.20
N LYS A 7 23.58 -12.04 41.48
CA LYS A 7 22.22 -11.86 42.07
C LYS A 7 21.67 -10.46 41.74
N LEU A 8 22.50 -9.42 41.88
CA LEU A 8 22.12 -8.00 41.63
C LEU A 8 21.95 -7.77 40.12
N LEU A 9 22.96 -8.11 39.31
CA LEU A 9 23.12 -7.63 37.92
C LEU A 9 22.29 -8.43 36.90
N LEU A 10 21.86 -9.66 37.23
CA LEU A 10 21.24 -10.59 36.23
C LEU A 10 19.95 -10.00 35.66
N PRO A 11 18.94 -9.58 36.46
CA PRO A 11 17.76 -8.91 35.90
C PRO A 11 18.04 -7.62 35.11
N THR A 12 19.09 -6.86 35.44
CA THR A 12 19.50 -5.65 34.67
C THR A 12 20.10 -6.07 33.33
N LEU A 13 21.15 -6.90 33.35
CA LEU A 13 21.95 -7.26 32.14
C LEU A 13 21.13 -8.12 31.17
N SER A 14 20.32 -9.06 31.67
CA SER A 14 19.53 -9.99 30.83
C SER A 14 18.39 -9.27 30.11
N SER A 15 18.04 -8.03 30.50
CA SER A 15 17.10 -7.15 29.75
C SER A 15 17.66 -6.83 28.36
N LEU A 16 18.97 -6.98 28.14
CA LEU A 16 19.63 -6.81 26.81
C LEU A 16 19.30 -7.99 25.88
N ALA A 17 18.54 -9.00 26.34
CA ALA A 17 17.92 -10.05 25.49
C ALA A 17 17.01 -9.41 24.43
N PHE A 18 16.41 -8.25 24.71
CA PHE A 18 15.51 -7.51 23.78
C PHE A 18 16.31 -6.81 22.67
N LEU A 19 17.64 -6.69 22.77
CA LEU A 19 18.47 -5.96 21.77
C LEU A 19 18.57 -6.77 20.47
N PRO A 20 18.85 -8.10 20.48
CA PRO A 20 18.61 -8.94 19.31
C PRO A 20 17.22 -8.84 18.69
N THR A 21 16.17 -8.65 19.50
CA THR A 21 14.76 -8.47 19.01
C THR A 21 14.65 -7.15 18.24
N VAL A 22 15.29 -6.08 18.73
CA VAL A 22 15.30 -4.73 18.09
C VAL A 22 16.03 -4.81 16.74
N SER A 23 17.22 -5.41 16.70
CA SER A 23 18.08 -5.49 15.49
C SER A 23 17.43 -6.37 14.42
N ILE A 24 16.85 -7.52 14.82
CA ILE A 24 16.15 -8.46 13.89
C ILE A 24 14.89 -7.80 13.34
N ALA A 25 14.11 -7.10 14.18
CA ALA A 25 12.88 -6.38 13.78
C ALA A 25 13.23 -5.25 12.80
N THR A 26 14.29 -4.49 13.07
CA THR A 26 14.84 -3.43 12.18
C THR A 26 15.23 -4.04 10.83
N LYS A 27 15.96 -5.16 10.86
CA LYS A 27 16.53 -5.88 9.69
C LYS A 27 15.41 -6.41 8.78
N ARG A 28 14.25 -6.77 9.33
CA ARG A 28 13.08 -7.31 8.58
C ARG A 28 12.11 -6.19 8.19
N ARG A 29 12.51 -4.92 8.34
CA ARG A 29 11.72 -3.71 7.97
C ARG A 29 10.49 -3.56 8.90
N PHE A 30 10.51 -4.15 10.11
CA PHE A 30 9.47 -3.96 11.16
C PHE A 30 9.96 -2.85 12.10
N TYR A 31 9.93 -1.61 11.61
CA TYR A 31 10.53 -0.41 12.28
C TYR A 31 9.67 0.02 13.48
N MET A 32 8.34 0.05 13.33
CA MET A 32 7.40 0.46 14.41
C MET A 32 7.47 -0.54 15.57
N GLU A 33 7.64 -1.83 15.28
CA GLU A 33 7.79 -2.91 16.30
C GLU A 33 9.15 -2.75 16.99
N ALA A 34 10.19 -2.37 16.24
CA ALA A 34 11.57 -2.14 16.75
C ALA A 34 11.60 -0.94 17.71
N MET A 35 10.77 0.08 17.49
CA MET A 35 10.61 1.23 18.42
C MET A 35 10.08 0.71 19.77
N VAL A 36 9.00 -0.08 19.72
CA VAL A 36 8.27 -0.59 20.93
C VAL A 36 9.21 -1.51 21.72
N TYR A 37 10.01 -2.35 21.04
CA TYR A 37 10.97 -3.29 21.67
C TYR A 37 12.14 -2.50 22.28
N LEU A 38 12.61 -1.44 21.62
CA LEU A 38 13.76 -0.61 22.10
C LEU A 38 13.31 0.26 23.28
N PHE A 39 12.12 0.85 23.18
CA PHE A 39 11.41 1.58 24.27
C PHE A 39 11.28 0.66 25.49
N THR A 40 10.80 -0.58 25.27
CA THR A 40 10.65 -1.64 26.31
C THR A 40 12.01 -1.95 26.93
N MET A 41 13.01 -2.28 26.10
CA MET A 41 14.38 -2.65 26.54
C MET A 41 14.93 -1.55 27.47
N PHE A 42 14.86 -0.28 27.04
CA PHE A 42 15.33 0.91 27.78
C PHE A 42 14.66 0.96 29.15
N PHE A 43 13.33 0.93 29.21
CA PHE A 43 12.54 1.12 30.44
C PHE A 43 12.62 -0.13 31.34
N VAL A 44 12.73 -1.34 30.76
CA VAL A 44 12.91 -2.60 31.54
C VAL A 44 14.32 -2.60 32.15
N ALA A 45 15.35 -2.27 31.36
CA ALA A 45 16.78 -2.18 31.81
C ALA A 45 16.90 -1.21 32.98
N PHE A 46 16.33 -0.01 32.85
CA PHE A 46 16.44 1.09 33.85
C PHE A 46 15.50 0.81 35.04
N SER A 47 14.38 0.11 34.84
CA SER A 47 13.46 -0.32 35.94
C SER A 47 14.22 -1.24 36.91
N HIS A 48 15.02 -2.17 36.38
CA HIS A 48 15.81 -3.15 37.17
C HIS A 48 17.05 -2.48 37.78
N ALA A 49 17.74 -1.63 37.02
CA ALA A 49 18.95 -0.87 37.46
C ALA A 49 18.58 0.06 38.61
N CYS A 50 17.45 0.77 38.49
CA CYS A 50 16.95 1.76 39.49
C CYS A 50 16.45 1.05 40.75
N ASP A 51 15.93 -0.17 40.60
CA ASP A 51 15.45 -1.04 41.72
C ASP A 51 16.63 -1.61 42.51
N GLY A 52 17.73 -1.96 41.83
CA GLY A 52 18.91 -2.64 42.42
C GLY A 52 19.73 -1.70 43.31
N PRO A 53 19.88 -1.99 44.64
CA PRO A 53 20.58 -1.08 45.55
C PRO A 53 22.04 -0.76 45.18
N GLY A 54 22.75 -1.69 44.53
CA GLY A 54 24.17 -1.56 44.18
C GLY A 54 24.44 -0.69 42.97
N LEU A 55 23.42 -0.35 42.16
CA LEU A 55 23.57 0.50 40.94
C LEU A 55 22.36 1.43 40.71
N SER A 56 21.55 1.73 41.74
CA SER A 56 20.39 2.66 41.68
C SER A 56 20.83 4.11 41.39
N VAL A 57 22.12 4.44 41.59
CA VAL A 57 22.74 5.75 41.29
C VAL A 57 22.61 6.08 39.79
N LEU A 58 22.54 5.05 38.93
CA LEU A 58 22.48 5.17 37.44
C LEU A 58 21.19 5.87 36.99
N CYS A 59 20.05 5.68 37.67
CA CYS A 59 18.71 6.15 37.19
C CYS A 59 18.49 7.62 37.56
N PHE A 60 17.65 8.31 36.78
CA PHE A 60 17.48 9.78 36.75
C PHE A 60 15.99 10.15 36.85
N MET A 61 15.11 9.47 36.12
CA MET A 61 13.64 9.55 36.30
C MET A 61 13.26 8.83 37.60
N ARG A 62 12.12 9.22 38.18
CA ARG A 62 11.49 8.59 39.38
C ARG A 62 11.26 7.09 39.12
N ARG A 63 11.23 6.28 40.17
CA ARG A 63 10.96 4.81 40.10
C ARG A 63 9.58 4.55 39.49
N ASP A 64 8.62 5.44 39.76
CA ASP A 64 7.21 5.35 39.30
C ASP A 64 7.13 5.35 37.78
N ILE A 65 7.92 6.21 37.10
CA ILE A 65 7.92 6.37 35.62
C ILE A 65 8.52 5.11 34.99
N LEU A 66 9.68 4.66 35.50
CA LEU A 66 10.45 3.50 34.98
C LEU A 66 9.61 2.22 35.12
N GLU A 67 8.95 2.05 36.27
CA GLU A 67 8.09 0.88 36.60
C GLU A 67 6.86 0.86 35.69
N TYR A 68 6.22 2.00 35.45
CA TYR A 68 5.00 2.13 34.60
C TYR A 68 5.34 1.75 33.15
N PHE A 69 6.42 2.32 32.58
CA PHE A 69 6.81 2.17 31.16
C PHE A 69 7.59 0.87 30.93
N SER A 70 8.07 0.23 32.00
CA SER A 70 8.54 -1.19 32.00
C SER A 70 7.34 -2.10 31.68
N ILE A 71 6.24 -1.95 32.44
CA ILE A 71 5.02 -2.80 32.35
C ILE A 71 4.27 -2.47 31.05
N TYR A 72 4.04 -1.18 30.77
CA TYR A 72 3.31 -0.69 29.57
C TYR A 72 4.03 -1.12 28.29
N GLY A 73 5.35 -0.91 28.23
CA GLY A 73 6.21 -1.30 27.09
C GLY A 73 6.20 -2.80 26.86
N THR A 74 6.23 -3.59 27.93
CA THR A 74 6.20 -5.08 27.87
C THR A 74 4.86 -5.54 27.29
N ALA A 75 3.74 -5.02 27.82
CA ALA A 75 2.35 -5.36 27.39
C ALA A 75 2.10 -4.90 25.96
N LEU A 76 2.68 -3.77 25.54
CA LEU A 76 2.53 -3.22 24.16
C LEU A 76 3.41 -4.01 23.18
N SER A 77 4.57 -4.51 23.62
CA SER A 77 5.46 -5.41 22.82
C SER A 77 4.71 -6.70 22.48
N MET A 78 3.94 -7.23 23.44
CA MET A 78 3.11 -8.45 23.28
C MET A 78 1.99 -8.19 22.26
N TRP A 79 1.43 -6.97 22.25
CA TRP A 79 0.36 -6.57 21.29
C TRP A 79 0.94 -6.45 19.87
N VAL A 80 1.99 -5.65 19.68
CA VAL A 80 2.50 -5.30 18.31
C VAL A 80 3.19 -6.51 17.66
N SER A 81 3.73 -7.46 18.43
CA SER A 81 4.31 -8.71 17.89
C SER A 81 3.20 -9.63 17.38
N LEU A 82 2.09 -9.74 18.11
CA LEU A 82 0.92 -10.58 17.72
C LEU A 82 0.16 -9.91 16.56
N MET A 83 0.05 -8.58 16.52
CA MET A 83 -0.61 -7.84 15.41
C MET A 83 0.28 -7.87 14.15
N ALA A 84 1.61 -8.02 14.31
CA ALA A 84 2.56 -8.24 13.19
C ALA A 84 2.37 -9.66 12.63
N LEU A 85 2.17 -10.59 13.54
CA LEU A 85 1.86 -11.99 13.15
C LEU A 85 0.52 -12.03 12.40
N ALA A 86 -0.50 -11.32 12.89
CA ALA A 86 -1.84 -11.19 12.28
C ALA A 86 -1.70 -10.67 10.84
N ASP A 87 -0.89 -9.63 10.65
CA ASP A 87 -0.48 -9.06 9.34
C ASP A 87 -1.71 -8.47 8.63
N PHE A 88 -2.35 -7.48 9.27
CA PHE A 88 -3.47 -6.69 8.69
C PHE A 88 -2.93 -5.68 7.67
N ASP A 89 -3.77 -5.28 6.71
CA ASP A 89 -3.51 -4.18 5.73
C ASP A 89 -4.45 -3.01 6.05
N GLU A 90 -4.34 -1.89 5.31
CA GLU A 90 -4.72 -0.53 5.77
C GLU A 90 -6.16 -0.38 5.27
N PRO A 91 -7.07 0.13 6.13
CA PRO A 91 -6.93 1.04 7.28
C PRO A 91 -7.00 0.31 8.63
N GLN A 92 -7.07 -1.03 8.64
CA GLN A 92 -7.26 -1.86 9.87
C GLN A 92 -5.95 -1.92 10.67
N ARG A 93 -4.80 -2.05 10.00
CA ARG A 93 -3.45 -2.19 10.62
C ARG A 93 -3.22 -1.09 11.65
N SER A 94 -3.42 0.15 11.14
CA SER A 94 -3.29 1.37 11.97
C SER A 94 -4.37 1.40 13.06
N THR A 95 -5.58 0.90 12.77
CA THR A 95 -6.72 0.89 13.73
C THR A 95 -6.44 -0.13 14.85
N PHE A 96 -5.97 -1.34 14.51
CA PHE A 96 -5.67 -2.40 15.50
C PHE A 96 -4.43 -2.01 16.32
N THR A 97 -3.40 -1.41 15.70
CA THR A 97 -2.22 -0.86 16.41
C THR A 97 -2.67 0.14 17.47
N MET A 98 -3.54 1.09 17.10
CA MET A 98 -4.01 2.18 17.98
C MET A 98 -4.93 1.62 19.08
N LEU A 99 -5.74 0.61 18.77
CA LEU A 99 -6.67 -0.06 19.73
C LEU A 99 -5.86 -0.62 20.91
N GLY A 100 -4.74 -1.31 20.64
CA GLY A 100 -3.82 -1.83 21.67
C GLY A 100 -3.21 -0.73 22.50
N VAL A 101 -2.62 0.28 21.84
CA VAL A 101 -1.97 1.47 22.48
C VAL A 101 -2.94 2.07 23.51
N LEU A 102 -4.14 2.46 23.07
CA LEU A 102 -5.09 3.27 23.88
C LEU A 102 -5.67 2.42 25.02
N THR A 103 -6.03 1.15 24.78
CA THR A 103 -6.65 0.26 25.81
C THR A 103 -5.60 -0.20 26.83
N ILE A 104 -4.37 -0.51 26.39
CA ILE A 104 -3.25 -0.96 27.29
C ILE A 104 -2.79 0.23 28.14
N ALA A 105 -2.76 1.45 27.57
CA ALA A 105 -2.39 2.70 28.27
C ALA A 105 -3.33 2.91 29.47
N VAL A 106 -4.65 2.90 29.23
CA VAL A 106 -5.69 3.12 30.27
C VAL A 106 -5.65 1.97 31.28
N ARG A 107 -5.54 0.73 30.81
CA ARG A 107 -5.58 -0.45 31.71
C ARG A 107 -4.38 -0.39 32.67
N THR A 108 -3.17 -0.23 32.13
CA THR A 108 -1.90 -0.18 32.92
C THR A 108 -1.90 1.02 33.87
N PHE A 109 -2.43 2.17 33.44
CA PHE A 109 -2.46 3.42 34.24
C PHE A 109 -3.45 3.27 35.41
N HIS A 110 -4.62 2.68 35.15
CA HIS A 110 -5.67 2.39 36.15
C HIS A 110 -5.09 1.50 37.27
N ASP A 111 -4.51 0.35 36.88
CA ASP A 111 -3.85 -0.60 37.81
C ASP A 111 -2.82 -1.41 37.02
N ARG A 112 -1.53 -1.20 37.31
CA ARG A 112 -0.39 -1.79 36.56
C ARG A 112 -0.10 -3.22 37.05
N TRP A 113 -0.65 -3.63 38.20
CA TRP A 113 -0.44 -4.96 38.83
C TRP A 113 -1.72 -5.82 38.82
N GLY A 114 -2.87 -5.28 38.40
CA GLY A 114 -4.15 -6.01 38.38
C GLY A 114 -4.21 -6.99 37.23
N TYR A 115 -5.21 -7.88 37.23
CA TYR A 115 -5.44 -8.93 36.21
C TYR A 115 -5.80 -8.28 34.88
N GLY A 116 -5.46 -8.93 33.76
CA GLY A 116 -5.77 -8.45 32.40
C GLY A 116 -4.70 -7.56 31.80
N VAL A 117 -3.65 -7.20 32.54
CA VAL A 117 -2.59 -6.25 32.07
C VAL A 117 -1.74 -6.92 30.98
N TYR A 118 -1.56 -8.26 31.01
CA TYR A 118 -0.87 -9.04 29.96
C TYR A 118 -1.83 -10.01 29.25
N SER A 119 -2.80 -10.61 29.95
CA SER A 119 -3.80 -11.54 29.36
C SER A 119 -4.83 -10.78 28.52
N GLY A 120 -4.98 -9.46 28.73
CA GLY A 120 -5.76 -8.57 27.87
C GLY A 120 -5.15 -8.49 26.47
N PRO A 121 -3.91 -7.96 26.32
CA PRO A 121 -3.18 -7.98 25.06
C PRO A 121 -3.14 -9.35 24.36
N ILE A 122 -2.75 -10.41 25.08
CA ILE A 122 -2.51 -11.77 24.51
C ILE A 122 -3.88 -12.40 24.17
N GLY A 123 -4.82 -12.40 25.12
CA GLY A 123 -6.17 -12.98 24.97
C GLY A 123 -6.94 -12.36 23.82
N THR A 124 -6.89 -11.02 23.70
CA THR A 124 -7.58 -10.26 22.62
C THR A 124 -6.88 -10.47 21.28
N ALA A 125 -5.55 -10.34 21.24
CA ALA A 125 -4.75 -10.44 19.99
C ALA A 125 -4.87 -11.85 19.40
N THR A 126 -4.86 -12.90 20.21
CA THR A 126 -4.99 -14.31 19.74
C THR A 126 -6.43 -14.59 19.29
N LEU A 127 -7.43 -13.90 19.84
CA LEU A 127 -8.85 -14.01 19.40
C LEU A 127 -9.01 -13.32 18.04
N ILE A 128 -8.41 -12.14 17.86
CA ILE A 128 -8.39 -11.38 16.56
C ILE A 128 -7.71 -12.25 15.48
N ILE A 129 -6.59 -12.89 15.83
CA ILE A 129 -5.80 -13.78 14.92
C ILE A 129 -6.65 -15.01 14.55
N ALA A 130 -7.27 -15.65 15.54
CA ALA A 130 -8.11 -16.87 15.36
C ALA A 130 -9.29 -16.56 14.42
N VAL A 131 -9.98 -15.42 14.62
CA VAL A 131 -11.14 -15.00 13.78
C VAL A 131 -10.65 -14.73 12.35
N LYS A 132 -9.50 -14.07 12.17
CA LYS A 132 -8.94 -13.77 10.82
C LYS A 132 -8.59 -15.09 10.11
N TRP A 133 -7.87 -15.99 10.79
CA TRP A 133 -7.33 -17.24 10.20
C TRP A 133 -8.46 -18.25 9.95
N LEU A 134 -9.50 -18.29 10.78
CA LEU A 134 -10.68 -19.18 10.58
C LEU A 134 -11.49 -18.71 9.36
N LYS A 135 -11.60 -17.40 9.14
CA LYS A 135 -12.22 -16.82 7.91
C LYS A 135 -11.37 -17.17 6.69
N LYS A 136 -10.04 -17.10 6.81
CA LYS A 136 -9.08 -17.31 5.69
C LYS A 136 -9.01 -18.81 5.36
N MET A 137 -9.22 -19.70 6.34
CA MET A 137 -9.24 -21.17 6.13
C MET A 137 -10.55 -21.61 5.45
N LYS A 138 -11.69 -20.98 5.81
CA LYS A 138 -13.01 -21.20 5.16
C LYS A 138 -12.97 -20.70 3.71
N GLU A 139 -12.26 -19.59 3.47
CA GLU A 139 -12.05 -18.97 2.12
C GLU A 139 -11.19 -19.90 1.26
N LYS A 140 -10.03 -20.35 1.77
CA LYS A 140 -9.02 -21.14 1.03
C LYS A 140 -9.35 -22.63 1.03
N LYS A 141 -10.23 -23.09 1.94
CA LYS A 141 -10.64 -24.52 2.12
C LYS A 141 -9.40 -25.36 2.43
N GLY A 142 -8.49 -24.82 3.27
CA GLY A 142 -7.18 -25.41 3.61
C GLY A 142 -6.49 -24.59 4.70
N LEU A 143 -5.59 -25.23 5.46
CA LEU A 143 -4.80 -24.63 6.57
C LEU A 143 -4.11 -23.35 6.08
N TYR A 144 -4.47 -22.17 6.60
CA TYR A 144 -4.13 -20.88 5.96
C TYR A 144 -2.63 -20.60 6.10
N PRO A 145 -2.05 -20.28 7.28
CA PRO A 145 -0.59 -20.15 7.37
C PRO A 145 0.00 -21.53 7.07
N ASP A 146 0.97 -21.60 6.14
CA ASP A 146 1.58 -22.87 5.67
C ASP A 146 2.08 -23.66 6.89
N LYS A 147 2.10 -24.99 6.79
CA LYS A 147 2.63 -25.90 7.84
C LYS A 147 4.06 -25.45 8.23
N SER A 148 4.80 -24.84 7.29
CA SER A 148 6.11 -24.17 7.56
C SER A 148 5.95 -23.09 8.63
N ILE A 149 4.97 -22.20 8.50
CA ILE A 149 4.77 -21.02 9.40
C ILE A 149 4.35 -21.52 10.79
N TYR A 150 3.54 -22.59 10.88
CA TYR A 150 3.14 -23.21 12.17
C TYR A 150 4.36 -23.85 12.84
N THR A 151 5.16 -24.64 12.12
CA THR A 151 6.28 -25.43 12.69
C THR A 151 7.54 -24.59 12.91
N GLN A 152 7.64 -23.39 12.31
CA GLN A 152 8.84 -22.50 12.43
C GLN A 152 8.52 -21.27 13.31
N GLN A 153 7.37 -20.61 13.12
CA GLN A 153 7.06 -19.30 13.76
C GLN A 153 6.04 -19.48 14.90
N ILE A 154 4.82 -19.94 14.60
CA ILE A 154 3.66 -19.90 15.54
C ILE A 154 3.90 -20.90 16.69
N GLY A 155 4.28 -22.14 16.37
CA GLY A 155 4.55 -23.20 17.36
C GLY A 155 5.68 -22.81 18.30
N PRO A 156 6.94 -22.64 17.81
CA PRO A 156 8.05 -22.19 18.66
C PRO A 156 7.85 -20.82 19.34
N GLY A 157 7.26 -19.84 18.63
CA GLY A 157 7.00 -18.49 19.15
C GLY A 157 6.07 -18.50 20.35
N LEU A 158 4.97 -19.27 20.27
CA LEU A 158 3.98 -19.41 21.37
C LEU A 158 4.51 -20.34 22.46
N CYS A 159 5.44 -21.26 22.15
CA CYS A 159 6.11 -22.14 23.15
C CYS A 159 7.06 -21.32 24.02
N PHE A 160 7.86 -20.44 23.43
CA PHE A 160 8.77 -19.49 24.15
C PHE A 160 7.93 -18.42 24.86
N GLY A 161 6.78 -18.05 24.30
CA GLY A 161 5.80 -17.15 24.92
C GLY A 161 5.22 -17.77 26.20
N ALA A 162 4.71 -19.00 26.11
CA ALA A 162 4.15 -19.77 27.23
C ALA A 162 5.22 -20.00 28.30
N LEU A 163 6.47 -20.28 27.89
CA LEU A 163 7.63 -20.47 28.81
C LEU A 163 7.89 -19.16 29.58
N ALA A 164 7.91 -18.01 28.89
CA ALA A 164 8.11 -16.68 29.49
C ALA A 164 7.02 -16.41 30.55
N LEU A 165 5.75 -16.65 30.21
CA LEU A 165 4.60 -16.36 31.10
C LEU A 165 4.65 -17.26 32.34
N MET A 166 4.99 -18.55 32.21
CA MET A 166 5.04 -19.49 33.37
C MET A 166 6.31 -19.27 34.20
N LEU A 167 7.42 -18.80 33.60
CA LEU A 167 8.63 -18.37 34.35
C LEU A 167 8.26 -17.17 35.23
N ARG A 168 7.65 -16.13 34.65
CA ARG A 168 7.38 -14.84 35.32
C ARG A 168 6.23 -14.99 36.34
N PHE A 169 5.15 -15.72 36.01
CA PHE A 169 3.87 -15.75 36.80
C PHE A 169 3.64 -17.07 37.54
N PHE A 170 4.62 -17.98 37.60
CA PHE A 170 4.55 -19.21 38.46
C PHE A 170 5.90 -19.46 39.14
N PHE A 171 6.98 -19.66 38.39
CA PHE A 171 8.29 -20.15 38.90
C PHE A 171 9.10 -19.04 39.60
N GLU A 172 8.76 -17.76 39.39
CA GLU A 172 9.59 -16.59 39.82
C GLU A 172 9.76 -16.55 41.34
N GLU A 173 8.82 -17.13 42.11
CA GLU A 173 8.87 -17.18 43.60
C GLU A 173 9.98 -18.10 44.11
N TRP A 174 10.54 -18.99 43.29
CA TRP A 174 11.66 -19.91 43.66
C TRP A 174 12.94 -19.08 43.86
N ASP A 175 13.39 -18.37 42.83
CA ASP A 175 14.45 -17.33 42.90
C ASP A 175 14.22 -16.32 41.75
N TYR A 176 13.85 -15.08 42.11
CA TYR A 176 13.56 -13.96 41.19
C TYR A 176 14.77 -13.67 40.29
N THR A 177 15.98 -13.67 40.86
CA THR A 177 17.22 -13.18 40.21
C THR A 177 17.55 -14.02 38.96
N TYR A 178 17.33 -15.34 39.03
CA TYR A 178 17.59 -16.30 37.92
C TYR A 178 16.35 -16.43 37.03
N VAL A 179 15.17 -16.65 37.62
CA VAL A 179 13.92 -16.97 36.86
C VAL A 179 13.46 -15.73 36.07
N HIS A 180 13.57 -14.52 36.64
CA HIS A 180 13.21 -13.25 35.93
C HIS A 180 14.21 -12.96 34.80
N SER A 181 15.49 -13.33 34.97
CA SER A 181 16.53 -13.17 33.93
C SER A 181 16.27 -14.12 32.76
N PHE A 182 15.72 -15.32 33.01
CA PHE A 182 15.33 -16.31 31.98
C PHE A 182 14.03 -15.86 31.30
N TYR A 183 13.16 -15.15 32.00
CA TYR A 183 11.90 -14.56 31.46
C TYR A 183 12.22 -13.57 30.34
N HIS A 184 13.22 -12.69 30.54
CA HIS A 184 13.70 -11.70 29.54
C HIS A 184 14.15 -12.43 28.27
N CYS A 185 14.90 -13.53 28.43
CA CYS A 185 15.46 -14.35 27.33
C CYS A 185 14.34 -15.10 26.59
N ALA A 186 13.40 -15.71 27.32
CA ALA A 186 12.25 -16.47 26.76
C ALA A 186 11.30 -15.52 26.02
N LEU A 187 11.02 -14.33 26.56
CA LEU A 187 10.06 -13.36 25.96
C LEU A 187 10.69 -12.71 24.71
N ALA A 188 11.97 -12.33 24.78
CA ALA A 188 12.74 -11.77 23.64
C ALA A 188 12.78 -12.78 22.50
N MET A 189 13.02 -14.06 22.82
CA MET A 189 13.04 -15.19 21.84
C MET A 189 11.65 -15.39 21.25
N SER A 190 10.59 -15.23 22.05
CA SER A 190 9.17 -15.32 21.61
C SER A 190 8.86 -14.21 20.60
N PHE A 191 9.28 -12.98 20.88
CA PHE A 191 9.06 -11.79 20.01
C PHE A 191 9.82 -11.96 18.68
N VAL A 192 11.01 -12.58 18.70
CA VAL A 192 11.83 -12.88 17.49
C VAL A 192 11.08 -13.89 16.60
N LEU A 193 10.48 -14.92 17.20
CA LEU A 193 9.86 -16.07 16.48
C LEU A 193 8.46 -15.69 15.95
N LEU A 194 7.65 -14.97 16.73
CA LEU A 194 6.26 -14.59 16.36
C LEU A 194 6.27 -13.55 15.24
N LEU A 195 7.30 -12.69 15.18
CA LEU A 195 7.46 -11.64 14.14
C LEU A 195 7.74 -12.32 12.80
N PRO A 196 6.97 -12.02 11.71
CA PRO A 196 7.21 -12.64 10.40
C PRO A 196 8.60 -12.38 9.80
N LYS A 197 8.90 -13.04 8.67
CA LYS A 197 10.24 -13.04 8.02
C LYS A 197 10.49 -11.71 7.31
N VAL A 198 9.46 -11.10 6.71
CA VAL A 198 9.54 -9.78 6.01
C VAL A 198 8.28 -8.96 6.36
N ASN A 199 8.45 -7.65 6.57
CA ASN A 199 7.32 -6.67 6.64
C ASN A 199 6.87 -6.41 5.20
N LYS A 200 5.89 -7.19 4.72
CA LYS A 200 5.41 -7.20 3.31
C LYS A 200 4.69 -5.90 2.97
N LYS A 201 4.31 -5.09 3.96
CA LYS A 201 3.67 -3.76 3.78
C LYS A 201 4.74 -2.66 3.60
N ALA A 202 6.02 -2.96 3.81
CA ALA A 202 7.13 -1.97 3.77
C ALA A 202 8.48 -2.58 3.33
N GLY A 203 8.48 -3.72 2.62
CA GLY A 203 9.70 -4.41 2.18
C GLY A 203 9.42 -5.63 1.33
N VAL B 5 -27.80 25.78 34.92
CA VAL B 5 -26.96 27.01 34.85
C VAL B 5 -25.77 26.72 33.92
N ALA B 6 -25.51 27.62 32.96
CA ALA B 6 -24.57 27.45 31.83
C ALA B 6 -23.11 27.37 32.31
N LYS B 7 -22.76 28.09 33.38
CA LYS B 7 -21.39 28.17 33.96
C LYS B 7 -20.84 26.76 34.21
N LEU B 8 -21.66 25.87 34.79
CA LEU B 8 -21.28 24.47 35.13
C LEU B 8 -21.15 23.63 33.86
N LEU B 9 -22.17 23.63 33.00
CA LEU B 9 -22.36 22.61 31.93
C LEU B 9 -21.56 22.93 30.66
N LEU B 10 -21.13 24.18 30.44
CA LEU B 10 -20.53 24.61 29.14
C LEU B 10 -19.25 23.83 28.83
N PRO B 11 -18.22 23.77 29.71
CA PRO B 11 -17.04 22.93 29.45
C PRO B 11 -17.34 21.42 29.26
N THR B 12 -18.38 20.88 29.91
CA THR B 12 -18.79 19.46 29.71
C THR B 12 -19.43 19.30 28.32
N LEU B 13 -20.48 20.08 28.02
CA LEU B 13 -21.31 19.91 26.79
C LEU B 13 -20.50 20.28 25.54
N SER B 14 -19.70 21.35 25.58
CA SER B 14 -18.91 21.86 24.42
C SER B 14 -17.79 20.88 24.04
N SER B 15 -17.43 19.92 24.90
CA SER B 15 -16.51 18.80 24.55
C SER B 15 -17.09 17.94 23.42
N LEU B 16 -18.42 18.00 23.19
CA LEU B 16 -19.09 17.30 22.06
C LEU B 16 -18.78 17.98 20.72
N ALA B 17 -18.02 19.09 20.71
CA ALA B 17 -17.43 19.70 19.50
C ALA B 17 -16.54 18.69 18.77
N PHE B 18 -15.93 17.73 19.50
CA PHE B 18 -15.05 16.67 18.93
C PHE B 18 -15.86 15.58 18.23
N LEU B 19 -17.18 15.52 18.39
CA LEU B 19 -18.03 14.45 17.79
C LEU B 19 -18.17 14.65 16.27
N PRO B 20 -18.45 15.87 15.75
CA PRO B 20 -18.24 16.16 14.34
C PRO B 20 -16.86 15.80 13.77
N THR B 21 -15.79 15.96 14.57
CA THR B 21 -14.41 15.59 14.17
C THR B 21 -14.31 14.07 13.99
N VAL B 22 -14.92 13.30 14.90
CA VAL B 22 -14.93 11.80 14.87
C VAL B 22 -15.68 11.33 13.62
N SER B 23 -16.88 11.86 13.37
CA SER B 23 -17.78 11.44 12.25
C SER B 23 -17.14 11.81 10.90
N ILE B 24 -16.57 13.01 10.78
CA ILE B 24 -15.90 13.50 9.53
C ILE B 24 -14.63 12.65 9.28
N ALA B 25 -13.84 12.36 10.31
CA ALA B 25 -12.61 11.53 10.21
C ALA B 25 -12.97 10.11 9.79
N THR B 26 -14.04 9.52 10.37
CA THR B 26 -14.59 8.19 10.00
C THR B 26 -15.00 8.19 8.53
N LYS B 27 -15.76 9.23 8.12
CA LYS B 27 -16.35 9.42 6.77
C LYS B 27 -15.25 9.52 5.69
N ARG B 28 -14.08 10.08 6.03
CA ARG B 28 -12.92 10.25 5.10
C ARG B 28 -11.95 9.06 5.18
N ARG B 29 -12.36 7.96 5.84
CA ARG B 29 -11.57 6.72 6.00
C ARG B 29 -10.32 6.95 6.87
N PHE B 30 -10.31 7.98 7.73
CA PHE B 30 -9.26 8.24 8.75
C PHE B 30 -9.71 7.61 10.08
N TYR B 31 -9.69 6.28 10.14
CA TYR B 31 -10.27 5.46 11.24
C TYR B 31 -9.40 5.56 12.50
N MET B 32 -8.06 5.46 12.35
CA MET B 32 -7.10 5.53 13.48
C MET B 32 -7.15 6.91 14.13
N GLU B 33 -7.34 7.97 13.34
CA GLU B 33 -7.47 9.37 13.83
C GLU B 33 -8.81 9.52 14.56
N ALA B 34 -9.87 8.87 14.05
CA ALA B 34 -11.23 8.88 14.63
C ALA B 34 -11.24 8.18 16.00
N MET B 35 -10.41 7.14 16.20
CA MET B 35 -10.21 6.48 17.52
C MET B 35 -9.65 7.50 18.52
N VAL B 36 -8.58 8.20 18.14
CA VAL B 36 -7.84 9.16 19.01
C VAL B 36 -8.76 10.33 19.38
N TYR B 37 -9.57 10.81 18.43
CA TYR B 37 -10.53 11.94 18.64
C TYR B 37 -11.69 11.47 19.54
N LEU B 38 -12.16 10.23 19.38
CA LEU B 38 -13.30 9.68 20.18
C LEU B 38 -12.83 9.38 21.61
N PHE B 39 -11.63 8.79 21.74
CA PHE B 39 -10.90 8.57 23.02
C PHE B 39 -10.76 9.91 23.74
N THR B 40 -10.28 10.94 23.04
CA THR B 40 -10.11 12.33 23.54
C THR B 40 -11.46 12.87 24.01
N MET B 41 -12.47 12.84 23.13
CA MET B 41 -13.84 13.36 23.43
C MET B 41 -14.36 12.75 24.72
N PHE B 42 -14.28 11.41 24.84
CA PHE B 42 -14.75 10.63 26.02
C PHE B 42 -14.05 11.15 27.29
N PHE B 43 -12.71 11.19 27.29
CA PHE B 43 -11.90 11.52 28.48
C PHE B 43 -11.97 13.03 28.79
N VAL B 44 -12.10 13.89 27.77
CA VAL B 44 -12.27 15.36 27.96
C VAL B 44 -13.66 15.62 28.55
N ALA B 45 -14.71 14.99 27.99
CA ALA B 45 -16.12 15.11 28.46
C ALA B 45 -16.22 14.70 29.93
N PHE B 46 -15.65 13.55 30.29
CA PHE B 46 -15.72 12.97 31.65
C PHE B 46 -14.77 13.71 32.61
N SER B 47 -13.64 14.25 32.11
CA SER B 47 -12.72 15.09 32.91
C SER B 47 -13.45 16.33 33.44
N HIS B 48 -14.27 16.98 32.60
CA HIS B 48 -15.04 18.20 32.94
C HIS B 48 -16.27 17.84 33.79
N ALA B 49 -16.98 16.74 33.46
CA ALA B 49 -18.16 16.25 34.19
C ALA B 49 -17.77 15.86 35.62
N CYS B 50 -16.65 15.16 35.78
CA CYS B 50 -16.12 14.66 37.08
C CYS B 50 -15.60 15.83 37.93
N ASP B 51 -15.09 16.89 37.29
CA ASP B 51 -14.58 18.12 37.94
C ASP B 51 -15.75 18.97 38.45
N GLY B 52 -16.87 19.02 37.71
CA GLY B 52 -18.03 19.88 37.99
C GLY B 52 -18.83 19.41 39.20
N PRO B 53 -18.95 20.20 40.30
CA PRO B 53 -19.63 19.77 41.52
C PRO B 53 -21.11 19.33 41.35
N GLY B 54 -21.82 19.91 40.39
CA GLY B 54 -23.27 19.66 40.15
C GLY B 54 -23.54 18.35 39.40
N LEU B 55 -22.54 17.72 38.79
CA LEU B 55 -22.72 16.43 38.04
C LEU B 55 -21.52 15.49 38.17
N SER B 56 -20.69 15.64 39.22
CA SER B 56 -19.51 14.76 39.53
C SER B 56 -19.95 13.32 39.86
N VAL B 57 -21.23 13.11 40.19
CA VAL B 57 -21.86 11.78 40.48
C VAL B 57 -21.75 10.88 39.24
N LEU B 58 -21.71 11.47 38.04
CA LEU B 58 -21.68 10.75 36.73
C LEU B 58 -20.40 9.91 36.58
N CYS B 59 -19.25 10.36 37.08
CA CYS B 59 -17.91 9.74 36.82
C CYS B 59 -17.68 8.55 37.76
N PHE B 60 -16.85 7.59 37.30
CA PHE B 60 -16.67 6.23 37.89
C PHE B 60 -15.19 5.92 38.10
N MET B 61 -14.32 6.24 37.13
CA MET B 61 -12.84 6.23 37.30
C MET B 61 -12.45 7.42 38.18
N ARG B 62 -11.29 7.31 38.84
CA ARG B 62 -10.64 8.36 39.67
C ARG B 62 -10.42 9.62 38.82
N ARG B 63 -10.37 10.79 39.44
CA ARG B 63 -10.12 12.10 38.76
C ARG B 63 -8.74 12.09 38.06
N ASP B 64 -7.78 11.37 38.66
CA ASP B 64 -6.37 11.27 38.18
C ASP B 64 -6.32 10.64 36.78
N ILE B 65 -7.13 9.59 36.55
CA ILE B 65 -7.15 8.83 35.26
C ILE B 65 -7.77 9.73 34.18
N LEU B 66 -8.92 10.35 34.48
CA LEU B 66 -9.71 11.20 33.54
C LEU B 66 -8.87 12.42 33.14
N GLU B 67 -8.19 13.04 34.10
CA GLU B 67 -7.33 14.24 33.89
C GLU B 67 -6.11 13.88 33.03
N TYR B 68 -5.47 12.72 33.28
CA TYR B 68 -4.27 12.27 32.52
C TYR B 68 -4.65 12.02 31.06
N PHE B 69 -5.74 11.27 30.80
CA PHE B 69 -6.15 10.83 29.44
C PHE B 69 -6.94 11.93 28.72
N SER B 70 -7.41 12.95 29.45
CA SER B 70 -7.87 14.24 28.88
C SER B 70 -6.69 14.93 28.19
N ILE B 71 -5.58 15.11 28.91
CA ILE B 71 -4.36 15.84 28.46
C ILE B 71 -3.64 15.01 27.39
N TYR B 72 -3.41 13.71 27.65
CA TYR B 72 -2.69 12.77 26.75
C TYR B 72 -3.44 12.64 25.43
N GLY B 73 -4.76 12.42 25.48
CA GLY B 73 -5.65 12.31 24.31
C GLY B 73 -5.63 13.59 23.47
N THR B 74 -5.66 14.76 24.13
CA THR B 74 -5.63 16.10 23.46
C THR B 74 -4.30 16.27 22.72
N ALA B 75 -3.18 16.01 23.38
CA ALA B 75 -1.81 16.13 22.84
C ALA B 75 -1.58 15.12 21.71
N LEU B 76 -2.17 13.91 21.81
CA LEU B 76 -2.04 12.85 20.77
C LEU B 76 -2.93 13.18 19.57
N SER B 77 -4.10 13.82 19.78
CA SER B 77 -5.00 14.31 18.71
C SER B 77 -4.27 15.36 17.85
N MET B 78 -3.49 16.23 18.50
CA MET B 78 -2.66 17.27 17.83
C MET B 78 -1.57 16.60 16.98
N TRP B 79 -0.99 15.49 17.46
CA TRP B 79 0.06 14.72 16.74
C TRP B 79 -0.55 14.04 15.50
N VAL B 80 -1.60 13.22 15.67
CA VAL B 80 -2.14 12.34 14.59
C VAL B 80 -2.84 13.18 13.50
N SER B 81 -3.37 14.37 13.84
CA SER B 81 -3.98 15.31 12.85
C SER B 81 -2.88 15.92 11.96
N LEU B 82 -1.75 16.31 12.56
CA LEU B 82 -0.60 16.91 11.84
C LEU B 82 0.14 15.83 11.04
N MET B 83 0.25 14.61 11.56
CA MET B 83 0.90 13.47 10.82
C MET B 83 -0.02 12.99 9.69
N ALA B 84 -1.34 13.18 9.79
CA ALA B 84 -2.31 12.93 8.70
C ALA B 84 -2.13 13.99 7.61
N LEU B 85 -1.94 15.26 7.99
CA LEU B 85 -1.66 16.39 7.05
C LEU B 85 -0.34 16.11 6.31
N ALA B 86 0.70 15.68 7.04
CA ALA B 86 2.03 15.31 6.49
C ALA B 86 1.87 14.25 5.40
N ASP B 87 1.07 13.22 5.68
CA ASP B 87 0.64 12.16 4.71
C ASP B 87 1.88 11.33 4.29
N PHE B 88 2.54 10.70 5.25
CA PHE B 88 3.67 9.75 5.02
C PHE B 88 3.12 8.41 4.53
N ASP B 89 3.95 7.65 3.80
CA ASP B 89 3.69 6.24 3.36
C ASP B 89 4.65 5.31 4.11
N GLU B 90 4.55 3.99 3.89
CA GLU B 90 4.96 2.94 4.86
C GLU B 90 6.39 2.62 4.45
N PRO B 91 7.33 2.50 5.41
CA PRO B 91 7.22 2.14 6.83
C PRO B 91 7.30 3.37 7.76
N GLN B 92 7.36 4.59 7.22
CA GLN B 92 7.55 5.85 8.00
C GLN B 92 6.26 6.23 8.73
N ARG B 93 5.09 6.06 8.09
CA ARG B 93 3.75 6.45 8.63
C ARG B 93 3.56 5.85 10.03
N SER B 94 3.66 4.41 10.16
CA SER B 94 3.55 3.64 11.42
C SER B 94 4.64 4.06 12.40
N THR B 95 5.85 4.39 11.91
CA THR B 95 7.01 4.79 12.75
C THR B 95 6.74 6.17 13.35
N PHE B 96 6.27 7.14 12.57
CA PHE B 96 5.98 8.51 13.03
C PHE B 96 4.75 8.50 13.96
N THR B 97 3.73 7.70 13.66
CA THR B 97 2.56 7.50 14.57
C THR B 97 3.03 7.02 15.95
N MET B 98 3.90 5.99 15.97
CA MET B 98 4.39 5.36 17.22
C MET B 98 5.32 6.32 17.97
N LEU B 99 6.14 7.11 17.25
CA LEU B 99 7.07 8.10 17.84
C LEU B 99 6.29 9.10 18.70
N GLY B 100 5.16 9.63 18.20
CA GLY B 100 4.27 10.55 18.93
C GLY B 100 3.68 9.87 20.16
N VAL B 101 3.08 8.69 19.97
CA VAL B 101 2.44 7.87 21.06
C VAL B 101 3.43 7.73 22.22
N LEU B 102 4.62 7.19 21.97
CA LEU B 102 5.60 6.79 23.01
C LEU B 102 6.20 8.02 23.69
N THR B 103 6.55 9.08 22.95
CA THR B 103 7.18 10.31 23.51
C THR B 103 6.15 11.16 24.27
N ILE B 104 4.91 11.27 23.77
CA ILE B 104 3.82 12.05 24.43
C ILE B 104 3.38 11.31 25.70
N ALA B 105 3.34 9.97 25.68
CA ALA B 105 2.99 9.11 26.84
C ALA B 105 3.95 9.41 27.99
N VAL B 106 5.26 9.32 27.75
CA VAL B 106 6.34 9.53 28.77
C VAL B 106 6.30 10.99 29.22
N ARG B 107 6.19 11.94 28.28
CA ARG B 107 6.23 13.38 28.62
C ARG B 107 5.06 13.72 29.55
N THR B 108 3.83 13.37 29.15
CA THR B 108 2.59 13.66 29.90
C THR B 108 2.60 12.94 31.27
N PHE B 109 3.13 11.72 31.33
CA PHE B 109 3.18 10.90 32.58
C PHE B 109 4.19 11.51 33.55
N HIS B 110 5.36 11.94 33.06
CA HIS B 110 6.43 12.61 33.83
C HIS B 110 5.87 13.88 34.50
N ASP B 111 5.27 14.77 33.69
CA ASP B 111 4.63 16.03 34.15
C ASP B 111 3.58 16.44 33.13
N ARG B 112 2.30 16.38 33.50
CA ARG B 112 1.14 16.61 32.60
C ARG B 112 0.86 18.12 32.46
N TRP B 113 1.42 18.96 33.34
CA TRP B 113 1.22 20.43 33.36
C TRP B 113 2.50 21.21 32.99
N GLY B 114 3.64 20.53 32.79
CA GLY B 114 4.91 21.19 32.45
C GLY B 114 4.96 21.61 30.99
N TYR B 115 5.95 22.42 30.62
CA TYR B 115 6.15 22.97 29.25
C TYR B 115 6.50 21.82 28.30
N GLY B 116 6.13 21.95 27.02
CA GLY B 116 6.41 20.96 25.97
C GLY B 116 5.33 19.90 25.80
N VAL B 117 4.30 19.88 26.65
CA VAL B 117 3.24 18.83 26.63
C VAL B 117 2.35 19.00 25.38
N TYR B 118 2.18 20.23 24.87
CA TYR B 118 1.46 20.52 23.59
C TYR B 118 2.40 21.10 22.53
N SER B 119 3.37 21.95 22.91
CA SER B 119 4.36 22.54 21.97
C SER B 119 5.38 21.50 21.50
N GLY B 120 5.54 20.38 22.23
CA GLY B 120 6.31 19.21 21.78
C GLY B 120 5.67 18.58 20.56
N PRO B 121 4.43 18.04 20.66
CA PRO B 121 3.67 17.55 19.52
C PRO B 121 3.61 18.50 18.31
N ILE B 122 3.22 19.76 18.54
CA ILE B 122 2.98 20.77 17.47
C ILE B 122 4.33 21.19 16.88
N GLY B 123 5.28 21.58 17.73
CA GLY B 123 6.63 22.05 17.33
C GLY B 123 7.38 21.00 16.52
N THR B 124 7.33 19.73 16.96
CA THR B 124 8.01 18.59 16.27
C THR B 124 7.28 18.24 14.97
N ALA B 125 5.95 18.11 15.02
CA ALA B 125 5.13 17.69 13.86
C ALA B 125 5.22 18.73 12.73
N THR B 126 5.23 20.03 13.05
CA THR B 126 5.36 21.12 12.04
C THR B 126 6.77 21.17 11.48
N LEU B 127 7.79 20.78 12.26
CA LEU B 127 9.20 20.68 11.78
C LEU B 127 9.34 19.50 10.82
N ILE B 128 8.72 18.35 11.14
CA ILE B 128 8.68 17.13 10.27
C ILE B 128 7.98 17.48 8.95
N ILE B 129 6.86 18.21 9.02
CA ILE B 129 6.06 18.66 7.84
C ILE B 129 6.90 19.61 6.98
N ALA B 130 7.52 20.61 7.61
CA ALA B 130 8.36 21.65 6.94
C ALA B 130 9.51 20.97 6.18
N VAL B 131 10.21 20.02 6.81
CA VAL B 131 11.36 19.28 6.20
C VAL B 131 10.85 18.45 5.01
N LYS B 132 9.70 17.78 5.14
CA LYS B 132 9.11 16.95 4.04
C LYS B 132 8.74 17.87 2.86
N TRP B 133 8.03 18.97 3.12
CA TRP B 133 7.47 19.87 2.08
C TRP B 133 8.59 20.69 1.42
N LEU B 134 9.65 21.07 2.14
CA LEU B 134 10.82 21.78 1.57
C LEU B 134 11.61 20.85 0.63
N LYS B 135 11.72 19.56 0.97
CA LYS B 135 12.31 18.53 0.08
C LYS B 135 11.44 18.35 -1.17
N LYS B 136 10.12 18.33 -1.00
CA LYS B 136 9.14 18.08 -2.09
C LYS B 136 9.05 19.30 -3.01
N MET B 137 9.27 20.51 -2.48
CA MET B 137 9.29 21.78 -3.27
C MET B 137 10.59 21.87 -4.09
N LYS B 138 11.72 21.46 -3.53
CA LYS B 138 13.03 21.39 -4.25
C LYS B 138 12.96 20.34 -5.36
N GLU B 139 12.25 19.24 -5.12
CA GLU B 139 12.02 18.12 -6.08
C GLU B 139 11.13 18.61 -7.24
N LYS B 140 9.99 19.24 -6.92
CA LYS B 140 8.96 19.66 -7.91
C LYS B 140 9.29 21.02 -8.52
N LYS B 141 10.18 21.81 -7.91
CA LYS B 141 10.59 23.18 -8.34
C LYS B 141 9.35 24.09 -8.36
N GLY B 142 8.46 23.93 -7.38
CA GLY B 142 7.16 24.62 -7.28
C GLY B 142 6.49 24.32 -5.94
N LEU B 143 5.61 25.23 -5.48
CA LEU B 143 4.84 25.14 -4.19
C LEU B 143 4.14 23.77 -4.11
N TYR B 144 4.53 22.92 -3.15
CA TYR B 144 4.18 21.47 -3.19
C TYR B 144 2.68 21.28 -2.93
N PRO B 145 2.12 21.47 -1.70
CA PRO B 145 0.67 21.40 -1.54
C PRO B 145 0.06 22.54 -2.38
N ASP B 146 -0.92 22.22 -3.24
CA ASP B 146 -1.55 23.20 -4.17
C ASP B 146 -2.02 24.41 -3.37
N LYS B 147 -2.05 25.59 -4.01
CA LYS B 147 -2.57 26.85 -3.40
C LYS B 147 -3.97 26.60 -2.84
N SER B 148 -4.75 25.67 -3.42
CA SER B 148 -6.04 25.17 -2.89
C SER B 148 -5.86 24.63 -1.47
N ILE B 149 -4.87 23.76 -1.25
CA ILE B 149 -4.64 23.05 0.05
C ILE B 149 -4.20 24.07 1.12
N TYR B 150 -3.40 25.07 0.74
CA TYR B 150 -2.97 26.18 1.64
C TYR B 150 -4.19 27.04 2.04
N THR B 151 -5.00 27.46 1.06
CA THR B 151 -6.11 28.43 1.28
C THR B 151 -7.36 27.75 1.86
N GLN B 152 -7.47 26.42 1.80
CA GLN B 152 -8.66 25.66 2.30
C GLN B 152 -8.33 24.90 3.59
N GLN B 153 -7.18 24.21 3.66
CA GLN B 153 -6.85 23.29 4.78
C GLN B 153 -5.81 23.92 5.72
N ILE B 154 -4.59 24.19 5.24
CA ILE B 154 -3.42 24.53 6.09
C ILE B 154 -3.64 25.91 6.73
N GLY B 155 -4.02 26.92 5.94
CA GLY B 155 -4.28 28.29 6.41
C GLY B 155 -5.40 28.33 7.47
N PRO B 156 -6.65 27.98 7.11
CA PRO B 156 -7.75 27.92 8.08
C PRO B 156 -7.53 26.96 9.26
N GLY B 157 -6.95 25.77 9.01
CA GLY B 157 -6.67 24.75 10.03
C GLY B 157 -5.71 25.25 11.10
N LEU B 158 -4.62 25.91 10.69
CA LEU B 158 -3.60 26.48 11.62
C LEU B 158 -4.12 27.79 12.24
N CYS B 159 -5.05 28.50 11.59
CA CYS B 159 -5.71 29.71 12.16
C CYS B 159 -6.64 29.33 13.32
N PHE B 160 -7.46 28.29 13.15
CA PHE B 160 -8.34 27.72 14.21
C PHE B 160 -7.49 27.04 15.28
N GLY B 161 -6.34 26.45 14.89
CA GLY B 161 -5.35 25.89 15.82
C GLY B 161 -4.74 26.96 16.72
N ALA B 162 -4.24 28.05 16.12
CA ALA B 162 -3.66 29.23 16.82
C ALA B 162 -4.71 29.87 17.73
N LEU B 163 -5.97 29.97 17.26
CA LEU B 163 -7.11 30.50 18.04
C LEU B 163 -7.35 29.64 19.28
N ALA B 164 -7.38 28.31 19.13
CA ALA B 164 -7.56 27.33 20.23
C ALA B 164 -6.45 27.53 21.28
N LEU B 165 -5.19 27.61 20.85
CA LEU B 165 -4.01 27.69 21.75
C LEU B 165 -4.04 29.02 22.52
N MET B 166 -4.38 30.15 21.88
CA MET B 166 -4.42 31.48 22.54
C MET B 166 -5.67 31.62 23.42
N LEU B 167 -6.79 30.95 23.08
CA LEU B 167 -7.98 30.88 23.97
C LEU B 167 -7.59 30.14 25.26
N ARG B 168 -7.00 28.95 25.13
CA ARG B 168 -6.71 28.05 26.28
C ARG B 168 -5.54 28.60 27.12
N PHE B 169 -4.46 29.12 26.51
CA PHE B 169 -3.17 29.46 27.18
C PHE B 169 -2.93 30.98 27.32
N PHE B 170 -3.91 31.84 27.01
CA PHE B 170 -3.82 33.30 27.30
C PHE B 170 -5.16 33.83 27.85
N PHE B 171 -6.26 33.71 27.09
CA PHE B 171 -7.56 34.37 27.39
C PHE B 171 -8.35 33.64 28.50
N GLU B 172 -8.01 32.39 28.83
CA GLU B 172 -8.82 31.50 29.71
C GLU B 172 -8.96 32.09 31.12
N GLU B 173 -8.02 32.93 31.56
CA GLU B 173 -8.03 33.58 32.91
C GLU B 173 -9.13 34.64 33.02
N TRP B 174 -9.72 35.12 31.91
CA TRP B 174 -10.83 36.10 31.89
C TRP B 174 -12.10 35.45 32.44
N ASP B 175 -12.57 34.38 31.79
CA ASP B 175 -13.62 33.46 32.31
C ASP B 175 -13.40 32.08 31.68
N TYR B 176 -13.03 31.09 32.51
CA TYR B 176 -12.76 29.68 32.13
C TYR B 176 -13.98 29.06 31.45
N THR B 177 -15.18 29.29 31.98
CA THR B 177 -16.45 28.59 31.61
C THR B 177 -16.79 28.86 30.15
N TYR B 178 -16.58 30.08 29.66
CA TYR B 178 -16.86 30.50 28.26
C TYR B 178 -15.63 30.25 27.37
N VAL B 179 -14.45 30.68 27.80
CA VAL B 179 -13.21 30.65 26.94
C VAL B 179 -12.76 29.20 26.73
N HIS B 180 -12.87 28.33 27.74
CA HIS B 180 -12.51 26.88 27.61
C HIS B 180 -13.54 26.16 26.72
N SER B 181 -14.81 26.57 26.75
CA SER B 181 -15.88 26.00 25.88
C SER B 181 -15.65 26.39 24.42
N PHE B 182 -15.10 27.58 24.15
CA PHE B 182 -14.73 28.05 22.79
C PHE B 182 -13.44 27.36 22.32
N TYR B 183 -12.55 27.00 23.25
CA TYR B 183 -11.30 26.24 22.97
C TYR B 183 -11.65 24.87 22.37
N HIS B 184 -12.62 24.16 22.93
CA HIS B 184 -13.12 22.85 22.42
C HIS B 184 -13.60 23.00 20.97
N CYS B 185 -14.35 24.07 20.69
CA CYS B 185 -14.94 24.37 19.35
C CYS B 185 -13.84 24.74 18.35
N ALA B 186 -12.89 25.59 18.75
CA ALA B 186 -11.75 26.05 17.91
C ALA B 186 -10.82 24.88 17.60
N LEU B 187 -10.52 24.02 18.58
CA LEU B 187 -9.58 22.87 18.40
C LEU B 187 -10.23 21.78 17.55
N ALA B 188 -11.50 21.46 17.80
CA ALA B 188 -12.29 20.49 17.00
C ALA B 188 -12.35 20.94 15.54
N MET B 189 -12.60 22.24 15.31
CA MET B 189 -12.65 22.87 13.97
C MET B 189 -11.27 22.81 13.31
N SER B 190 -10.19 22.98 14.08
CA SER B 190 -8.78 22.88 13.62
C SER B 190 -8.48 21.45 13.14
N PHE B 191 -8.89 20.44 13.92
CA PHE B 191 -8.69 19.00 13.61
C PHE B 191 -9.48 18.62 12.34
N VAL B 192 -10.67 19.20 12.13
CA VAL B 192 -11.51 18.97 10.91
C VAL B 192 -10.78 19.53 9.67
N LEU B 193 -10.18 20.71 9.79
CA LEU B 193 -9.57 21.46 8.65
C LEU B 193 -8.19 20.90 8.29
N LEU B 194 -7.37 20.55 9.28
CA LEU B 194 -5.98 20.04 9.07
C LEU B 194 -6.00 18.63 8.47
N LEU B 195 -7.03 17.83 8.80
CA LEU B 195 -7.21 16.44 8.28
C LEU B 195 -7.51 16.53 6.78
N PRO B 196 -6.78 15.80 5.90
CA PRO B 196 -7.04 15.83 4.45
C PRO B 196 -8.45 15.36 4.04
N LYS B 197 -8.77 15.50 2.74
CA LYS B 197 -10.12 15.23 2.18
C LYS B 197 -10.38 13.73 2.09
N VAL B 198 -9.36 12.92 1.77
CA VAL B 198 -9.45 11.43 1.67
C VAL B 198 -8.18 10.82 2.31
N ASN B 199 -8.34 9.72 3.04
CA ASN B 199 -7.22 8.85 3.48
C ASN B 199 -6.78 8.02 2.25
N LYS B 200 -5.82 8.54 1.48
CA LYS B 200 -5.37 7.96 0.18
C LYS B 200 -4.66 6.62 0.39
N LYS B 201 -4.24 6.30 1.62
CA LYS B 201 -3.61 5.00 1.97
C LYS B 201 -4.67 3.93 2.28
N ALA B 202 -5.96 4.30 2.39
CA ALA B 202 -7.05 3.38 2.79
C ALA B 202 -8.41 3.75 2.15
N GLY B 203 -8.43 4.51 1.04
CA GLY B 203 -9.68 4.96 0.39
C GLY B 203 -9.42 5.73 -0.90
N GLN C 1 -0.50 -45.78 -0.06
CA GLN C 1 -0.86 -45.84 -1.53
C GLN C 1 -1.98 -44.83 -1.83
N VAL C 2 -1.87 -44.10 -2.94
CA VAL C 2 -2.93 -43.24 -3.55
C VAL C 2 -2.91 -43.45 -5.06
N THR C 3 -4.08 -43.37 -5.72
CA THR C 3 -4.21 -43.53 -7.20
C THR C 3 -5.46 -42.78 -7.70
N LEU C 4 -5.38 -42.21 -8.90
CA LEU C 4 -6.53 -41.71 -9.70
C LEU C 4 -6.40 -42.26 -11.13
N LYS C 5 -7.54 -42.57 -11.78
CA LYS C 5 -7.59 -43.14 -13.16
C LYS C 5 -8.74 -42.50 -13.94
N GLU C 6 -8.41 -41.69 -14.95
CA GLU C 6 -9.38 -41.00 -15.83
C GLU C 6 -9.83 -41.97 -16.94
N SER C 7 -11.09 -41.85 -17.35
CA SER C 7 -11.69 -42.64 -18.46
C SER C 7 -12.76 -41.82 -19.17
N GLY C 8 -12.99 -42.09 -20.46
CA GLY C 8 -13.88 -41.31 -21.34
C GLY C 8 -14.15 -41.98 -22.68
N PRO C 9 -14.84 -41.29 -23.61
CA PRO C 9 -15.24 -41.88 -24.88
C PRO C 9 -14.12 -42.00 -25.93
N GLY C 10 -13.12 -41.11 -25.89
CA GLY C 10 -11.96 -41.12 -26.80
C GLY C 10 -12.21 -40.32 -28.07
N ILE C 11 -13.34 -40.57 -28.74
CA ILE C 11 -13.73 -39.92 -30.04
C ILE C 11 -15.13 -39.30 -29.89
N LEU C 12 -15.29 -38.05 -30.36
CA LEU C 12 -16.54 -37.25 -30.32
C LEU C 12 -16.63 -36.36 -31.56
N GLN C 13 -17.74 -35.62 -31.73
CA GLN C 13 -17.91 -34.55 -32.74
C GLN C 13 -18.62 -33.35 -32.11
N PRO C 14 -18.44 -32.11 -32.63
CA PRO C 14 -18.88 -30.89 -31.94
C PRO C 14 -20.36 -30.71 -31.56
N SER C 15 -21.29 -31.52 -32.09
CA SER C 15 -22.71 -31.57 -31.67
C SER C 15 -22.88 -32.24 -30.30
N GLN C 16 -21.88 -33.03 -29.86
CA GLN C 16 -22.00 -34.08 -28.80
C GLN C 16 -21.62 -33.49 -27.43
N THR C 17 -21.74 -34.30 -26.36
CA THR C 17 -21.30 -33.97 -24.98
C THR C 17 -20.33 -35.06 -24.48
N LEU C 18 -19.42 -34.67 -23.57
CA LEU C 18 -18.24 -35.45 -23.11
C LEU C 18 -18.44 -35.85 -21.64
N SER C 19 -18.45 -37.15 -21.34
CA SER C 19 -18.72 -37.74 -20.01
C SER C 19 -17.43 -38.36 -19.43
N LEU C 20 -16.55 -37.51 -18.88
CA LEU C 20 -15.29 -37.94 -18.22
C LEU C 20 -15.62 -38.53 -16.84
N THR C 21 -14.96 -39.64 -16.49
CA THR C 21 -15.06 -40.31 -15.15
C THR C 21 -13.65 -40.50 -14.59
N CYS C 22 -13.53 -40.49 -13.26
CA CYS C 22 -12.25 -40.60 -12.52
C CYS C 22 -12.43 -41.48 -11.28
N SER C 23 -12.03 -42.76 -11.39
CA SER C 23 -11.92 -43.72 -10.26
C SER C 23 -10.67 -43.39 -9.45
N PHE C 24 -10.72 -43.51 -8.12
CA PHE C 24 -9.59 -43.20 -7.20
C PHE C 24 -9.59 -44.12 -5.98
N SER C 25 -8.43 -44.20 -5.31
CA SER C 25 -8.16 -45.05 -4.11
C SER C 25 -7.06 -44.42 -3.26
N GLY C 26 -6.96 -44.84 -1.98
CA GLY C 26 -6.11 -44.21 -0.95
C GLY C 26 -6.86 -43.13 -0.17
N PHE C 27 -7.95 -42.61 -0.75
CA PHE C 27 -8.87 -41.60 -0.17
C PHE C 27 -10.27 -41.86 -0.73
N SER C 28 -11.32 -41.39 -0.04
CA SER C 28 -12.74 -41.64 -0.42
C SER C 28 -13.52 -40.34 -0.73
N LEU C 29 -12.96 -39.16 -0.43
CA LEU C 29 -13.51 -37.81 -0.76
C LEU C 29 -14.83 -37.54 -0.01
N SER C 30 -15.16 -38.32 1.03
CA SER C 30 -16.07 -37.94 2.14
C SER C 30 -15.24 -37.40 3.32
N THR C 31 -13.91 -37.61 3.30
CA THR C 31 -12.96 -37.17 4.36
C THR C 31 -12.85 -35.64 4.35
N SER C 32 -12.87 -35.02 5.53
CA SER C 32 -12.82 -33.55 5.73
C SER C 32 -11.52 -32.97 5.16
N GLY C 33 -11.63 -31.91 4.35
CA GLY C 33 -10.52 -31.18 3.72
C GLY C 33 -10.02 -31.79 2.41
N MET C 34 -10.51 -32.97 2.03
CA MET C 34 -10.07 -33.70 0.80
C MET C 34 -10.80 -33.10 -0.41
N GLY C 35 -10.16 -33.10 -1.58
CA GLY C 35 -10.73 -32.56 -2.83
C GLY C 35 -10.22 -33.29 -4.06
N VAL C 36 -10.98 -33.24 -5.15
CA VAL C 36 -10.57 -33.67 -6.51
C VAL C 36 -10.85 -32.53 -7.48
N SER C 37 -10.02 -32.42 -8.53
CA SER C 37 -10.04 -31.33 -9.53
C SER C 37 -9.75 -31.91 -10.91
N TRP C 38 -10.19 -31.21 -11.97
CA TRP C 38 -9.89 -31.56 -13.38
C TRP C 38 -9.03 -30.48 -14.02
N ILE C 39 -7.95 -30.91 -14.65
CA ILE C 39 -6.99 -30.09 -15.43
C ILE C 39 -6.85 -30.75 -16.80
N ARG C 40 -6.65 -29.95 -17.85
CA ARG C 40 -6.54 -30.46 -19.23
C ARG C 40 -5.32 -29.83 -19.92
N LYS C 41 -4.59 -30.63 -20.71
CA LYS C 41 -3.50 -30.17 -21.61
C LYS C 41 -4.03 -30.19 -23.04
N PRO C 42 -4.42 -29.03 -23.65
CA PRO C 42 -4.85 -29.00 -25.05
C PRO C 42 -3.70 -29.36 -26.01
N SER C 43 -4.05 -29.89 -27.19
CA SER C 43 -3.09 -30.44 -28.20
C SER C 43 -2.05 -29.38 -28.58
N GLY C 44 -0.78 -29.62 -28.21
CA GLY C 44 0.36 -28.74 -28.51
C GLY C 44 0.34 -27.46 -27.68
N LYS C 45 -0.11 -27.54 -26.42
CA LYS C 45 -0.34 -26.36 -25.53
C LYS C 45 -0.13 -26.73 -24.05
N GLY C 46 0.05 -25.71 -23.20
CA GLY C 46 0.26 -25.85 -21.75
C GLY C 46 -1.02 -26.14 -21.00
N LEU C 47 -0.90 -26.56 -19.73
CA LEU C 47 -2.02 -27.00 -18.86
C LEU C 47 -3.00 -25.84 -18.59
N GLU C 48 -4.29 -26.16 -18.44
CA GLU C 48 -5.33 -25.25 -17.90
C GLU C 48 -6.26 -26.04 -16.98
N TRP C 49 -6.61 -25.44 -15.83
CA TRP C 49 -7.54 -25.99 -14.81
C TRP C 49 -8.99 -25.84 -15.32
N LEU C 50 -9.86 -26.82 -15.04
CA LEU C 50 -11.29 -26.82 -15.45
C LEU C 50 -12.21 -26.63 -14.23
N ALA C 51 -12.15 -27.53 -13.25
CA ALA C 51 -13.20 -27.71 -12.22
C ALA C 51 -12.64 -28.29 -10.92
N HIS C 52 -13.30 -27.96 -9.79
CA HIS C 52 -13.06 -28.52 -8.42
C HIS C 52 -14.33 -29.22 -7.93
N ILE C 53 -14.19 -30.28 -7.13
CA ILE C 53 -15.25 -30.79 -6.21
C ILE C 53 -14.60 -31.17 -4.88
N PHE C 54 -15.21 -30.73 -3.77
CA PHE C 54 -14.64 -30.79 -2.40
C PHE C 54 -15.40 -31.83 -1.56
N TRP C 55 -14.84 -32.13 -0.38
CA TRP C 55 -15.36 -33.06 0.65
C TRP C 55 -16.82 -32.74 1.01
N ASP C 56 -17.16 -31.45 1.12
CA ASP C 56 -18.49 -30.94 1.55
C ASP C 56 -19.43 -30.80 0.34
N ASP C 57 -19.08 -31.40 -0.80
CA ASP C 57 -19.85 -31.39 -2.08
C ASP C 57 -19.95 -29.95 -2.64
N ASP C 58 -19.03 -29.05 -2.23
CA ASP C 58 -18.87 -27.70 -2.82
C ASP C 58 -18.12 -27.86 -4.16
N LYS C 59 -18.28 -26.90 -5.08
CA LYS C 59 -17.80 -26.99 -6.47
C LYS C 59 -17.26 -25.65 -6.96
N ARG C 60 -16.32 -25.71 -7.90
CA ARG C 60 -15.77 -24.52 -8.62
C ARG C 60 -15.56 -24.90 -10.10
N TYR C 61 -15.63 -23.90 -10.99
CA TYR C 61 -15.46 -24.05 -12.45
C TYR C 61 -14.63 -22.88 -13.00
N ASN C 62 -13.97 -23.09 -14.13
CA ASN C 62 -13.13 -22.09 -14.84
C ASN C 62 -14.08 -21.05 -15.44
N PRO C 63 -13.96 -19.74 -15.11
CA PRO C 63 -14.78 -18.70 -15.73
C PRO C 63 -14.85 -18.73 -17.27
N SER C 64 -13.78 -19.18 -17.92
CA SER C 64 -13.66 -19.32 -19.40
C SER C 64 -14.54 -20.48 -19.93
N LEU C 65 -14.86 -21.47 -19.09
CA LEU C 65 -15.66 -22.67 -19.46
C LEU C 65 -16.87 -22.89 -18.53
N LYS C 66 -17.13 -22.00 -17.56
CA LYS C 66 -18.08 -22.22 -16.42
C LYS C 66 -19.45 -22.73 -16.93
N SER C 67 -19.88 -22.30 -18.12
CA SER C 67 -21.22 -22.58 -18.70
C SER C 67 -21.41 -24.05 -19.05
N ARG C 68 -20.33 -24.74 -19.47
CA ARG C 68 -20.40 -26.07 -20.13
C ARG C 68 -19.52 -27.10 -19.41
N LEU C 69 -19.37 -26.98 -18.09
CA LEU C 69 -18.78 -28.03 -17.21
C LEU C 69 -19.76 -28.26 -16.04
N THR C 70 -19.99 -29.53 -15.67
CA THR C 70 -20.70 -29.93 -14.43
C THR C 70 -19.95 -31.10 -13.79
N ILE C 71 -19.48 -30.92 -12.55
CA ILE C 71 -18.69 -31.94 -11.78
C ILE C 71 -19.63 -32.62 -10.77
N SER C 72 -19.48 -33.94 -10.58
CA SER C 72 -20.32 -34.79 -9.69
C SER C 72 -19.44 -35.80 -8.92
N LYS C 73 -19.96 -36.40 -7.84
CA LYS C 73 -19.23 -37.30 -6.90
C LYS C 73 -20.07 -38.54 -6.56
N ASP C 74 -19.41 -39.68 -6.30
CA ASP C 74 -20.03 -40.96 -5.83
C ASP C 74 -19.01 -41.71 -4.95
N THR C 75 -19.01 -41.44 -3.64
CA THR C 75 -18.07 -42.06 -2.65
C THR C 75 -18.53 -43.47 -2.26
N SER C 76 -19.74 -43.87 -2.68
CA SER C 76 -20.24 -45.27 -2.65
C SER C 76 -19.33 -46.18 -3.48
N SER C 77 -18.67 -45.66 -4.53
CA SER C 77 -17.76 -46.41 -5.43
C SER C 77 -16.41 -45.67 -5.62
N ASN C 78 -16.12 -44.62 -4.85
CA ASN C 78 -14.90 -43.77 -4.95
C ASN C 78 -14.70 -43.32 -6.40
N GLN C 79 -15.66 -42.54 -6.95
CA GLN C 79 -15.60 -41.98 -8.33
C GLN C 79 -16.05 -40.51 -8.33
N VAL C 80 -15.48 -39.72 -9.25
CA VAL C 80 -15.90 -38.34 -9.60
C VAL C 80 -16.12 -38.28 -11.11
N PHE C 81 -17.10 -37.48 -11.55
CA PHE C 81 -17.53 -37.31 -12.96
C PHE C 81 -17.43 -35.83 -13.33
N LEU C 82 -16.89 -35.52 -14.52
CA LEU C 82 -16.99 -34.19 -15.16
C LEU C 82 -17.72 -34.33 -16.49
N MET C 83 -18.83 -33.61 -16.66
CA MET C 83 -19.63 -33.56 -17.91
C MET C 83 -19.37 -32.21 -18.59
N ILE C 84 -18.88 -32.23 -19.84
CA ILE C 84 -18.57 -31.01 -20.65
C ILE C 84 -19.55 -30.95 -21.83
N THR C 85 -20.32 -29.86 -21.93
CA THR C 85 -21.42 -29.68 -22.93
C THR C 85 -20.92 -28.85 -24.12
N SER C 86 -21.74 -28.78 -25.18
CA SER C 86 -21.62 -27.85 -26.34
C SER C 86 -20.18 -27.81 -26.84
N ILE C 87 -19.72 -28.94 -27.39
CA ILE C 87 -18.29 -29.23 -27.71
C ILE C 87 -17.85 -28.41 -28.94
N ASP C 88 -16.55 -28.11 -29.01
CA ASP C 88 -15.84 -27.54 -30.18
C ASP C 88 -14.57 -28.37 -30.39
N THR C 89 -13.96 -28.30 -31.59
CA THR C 89 -12.69 -29.01 -31.91
C THR C 89 -11.52 -28.41 -31.11
N ALA C 90 -11.73 -27.27 -30.45
CA ALA C 90 -10.82 -26.67 -29.44
C ALA C 90 -10.68 -27.57 -28.20
N ASP C 91 -11.60 -28.51 -27.96
CA ASP C 91 -11.63 -29.41 -26.77
C ASP C 91 -10.70 -30.62 -26.94
N THR C 92 -9.95 -30.74 -28.04
CA THR C 92 -8.97 -31.84 -28.27
C THR C 92 -7.81 -31.67 -27.29
N ALA C 93 -7.70 -32.58 -26.31
CA ALA C 93 -6.78 -32.46 -25.15
C ALA C 93 -6.55 -33.84 -24.51
N THR C 94 -5.60 -33.91 -23.58
CA THR C 94 -5.58 -34.93 -22.49
C THR C 94 -6.16 -34.30 -21.23
N TYR C 95 -7.09 -35.01 -20.57
CA TYR C 95 -7.83 -34.56 -19.36
C TYR C 95 -7.30 -35.32 -18.14
N TYR C 96 -6.74 -34.59 -17.18
CA TYR C 96 -6.16 -35.11 -15.93
C TYR C 96 -7.11 -34.86 -14.76
N CYS C 97 -7.19 -35.84 -13.86
CA CYS C 97 -7.94 -35.83 -12.58
C CYS C 97 -6.91 -35.82 -11.44
N ALA C 98 -6.91 -34.78 -10.60
CA ALA C 98 -5.83 -34.51 -9.62
C ALA C 98 -6.43 -34.30 -8.23
N ARG C 99 -5.79 -34.87 -7.20
CA ARG C 99 -6.30 -34.93 -5.81
C ARG C 99 -5.64 -33.81 -4.99
N ARG C 100 -6.44 -32.88 -4.49
CA ARG C 100 -6.04 -31.78 -3.58
C ARG C 100 -6.25 -32.23 -2.13
N THR C 101 -5.55 -31.59 -1.19
CA THR C 101 -5.54 -31.89 0.27
C THR C 101 -5.71 -30.60 1.08
N TRP C 102 -5.92 -30.73 2.40
CA TRP C 102 -6.21 -29.61 3.34
C TRP C 102 -4.91 -28.93 3.80
N LEU C 103 -3.84 -29.71 4.01
CA LEU C 103 -2.58 -29.23 4.66
C LEU C 103 -1.72 -28.50 3.62
N LEU C 104 -1.57 -29.07 2.41
CA LEU C 104 -1.02 -28.36 1.22
C LEU C 104 -2.14 -28.31 0.16
N HIS C 105 -2.47 -27.10 -0.33
CA HIS C 105 -3.73 -26.78 -1.06
C HIS C 105 -3.61 -27.10 -2.55
N ALA C 106 -2.39 -27.16 -3.10
CA ALA C 106 -2.13 -27.60 -4.49
C ALA C 106 -2.35 -29.11 -4.59
N MET C 107 -2.59 -29.64 -5.79
CA MET C 107 -2.84 -31.08 -6.03
C MET C 107 -1.52 -31.84 -5.91
N ASP C 108 -1.52 -33.03 -5.29
CA ASP C 108 -0.30 -33.82 -5.00
C ASP C 108 -0.24 -35.06 -5.89
N TYR C 109 -1.35 -35.79 -6.05
CA TYR C 109 -1.46 -36.99 -6.94
C TYR C 109 -2.34 -36.65 -8.14
N TRP C 110 -1.82 -36.93 -9.34
CA TRP C 110 -2.53 -36.88 -10.64
C TRP C 110 -2.72 -38.31 -11.15
N GLY C 111 -3.75 -38.55 -11.98
CA GLY C 111 -3.83 -39.73 -12.86
C GLY C 111 -2.95 -39.54 -14.07
N GLN C 112 -2.82 -40.58 -14.92
CA GLN C 112 -1.99 -40.56 -16.15
C GLN C 112 -2.67 -39.75 -17.26
N GLY C 113 -3.93 -39.34 -17.05
CA GLY C 113 -4.74 -38.57 -18.03
C GLY C 113 -5.43 -39.49 -19.02
N THR C 114 -6.46 -38.98 -19.70
CA THR C 114 -7.17 -39.66 -20.81
C THR C 114 -7.26 -38.68 -21.99
N SER C 115 -7.00 -39.16 -23.21
CA SER C 115 -7.05 -38.35 -24.46
C SER C 115 -8.48 -38.34 -25.01
N VAL C 116 -8.93 -37.19 -25.52
CA VAL C 116 -10.24 -37.01 -26.22
C VAL C 116 -9.97 -36.33 -27.56
N THR C 117 -10.57 -36.86 -28.64
CA THR C 117 -10.46 -36.37 -30.03
C THR C 117 -11.84 -35.90 -30.50
N VAL C 118 -11.88 -34.80 -31.26
CA VAL C 118 -13.12 -34.09 -31.67
C VAL C 118 -13.00 -33.74 -33.16
N SER C 119 -13.31 -34.71 -34.03
CA SER C 119 -13.21 -34.59 -35.51
C SER C 119 -14.08 -35.65 -36.19
N SER C 120 -14.37 -35.43 -37.48
CA SER C 120 -15.24 -36.29 -38.33
C SER C 120 -14.58 -37.64 -38.58
N ASP D 1 -8.09 -13.56 -15.43
CA ASP D 1 -7.33 -14.53 -14.57
C ASP D 1 -5.99 -13.88 -14.15
N ILE D 2 -5.33 -14.47 -13.15
CA ILE D 2 -3.90 -14.17 -12.84
C ILE D 2 -3.05 -14.85 -13.93
N GLN D 3 -2.17 -14.09 -14.59
CA GLN D 3 -1.25 -14.60 -15.64
C GLN D 3 0.07 -15.02 -14.99
N MET D 4 0.46 -16.29 -15.16
CA MET D 4 1.77 -16.84 -14.75
C MET D 4 2.62 -17.06 -16.01
N THR D 5 3.79 -16.42 -16.10
CA THR D 5 4.69 -16.47 -17.29
C THR D 5 6.09 -16.96 -16.86
N GLN D 6 6.45 -18.18 -17.26
CA GLN D 6 7.81 -18.78 -17.08
C GLN D 6 8.72 -18.19 -18.16
N SER D 7 9.90 -17.70 -17.78
CA SER D 7 10.81 -16.91 -18.66
C SER D 7 11.43 -17.79 -19.76
N PRO D 8 12.02 -18.99 -19.49
CA PRO D 8 12.33 -19.94 -20.56
C PRO D 8 11.12 -20.81 -20.95
N SER D 9 10.71 -20.76 -22.21
CA SER D 9 9.73 -21.70 -22.83
C SER D 9 10.40 -23.05 -23.10
N SER D 10 11.68 -23.03 -23.47
CA SER D 10 12.57 -24.20 -23.66
C SER D 10 13.93 -23.92 -23.03
N LEU D 11 14.60 -24.95 -22.51
CA LEU D 11 15.85 -24.82 -21.71
C LEU D 11 16.74 -26.06 -21.97
N SER D 12 17.84 -25.88 -22.72
CA SER D 12 18.82 -26.94 -23.02
C SER D 12 20.03 -26.82 -22.08
N ALA D 13 20.50 -27.94 -21.53
CA ALA D 13 21.45 -28.01 -20.40
C ALA D 13 22.34 -29.26 -20.47
N SER D 14 23.51 -29.21 -19.83
CA SER D 14 24.44 -30.36 -19.65
C SER D 14 23.94 -31.26 -18.52
N LEU D 15 24.22 -32.57 -18.62
CA LEU D 15 24.06 -33.53 -17.50
C LEU D 15 25.15 -33.23 -16.46
N GLY D 16 24.76 -33.22 -15.17
CA GLY D 16 25.63 -32.83 -14.04
C GLY D 16 25.69 -31.33 -13.82
N GLY D 17 25.03 -30.54 -14.69
CA GLY D 17 25.02 -29.06 -14.62
C GLY D 17 23.94 -28.56 -13.67
N LYS D 18 23.72 -27.24 -13.67
CA LYS D 18 22.63 -26.57 -12.91
C LYS D 18 21.86 -25.63 -13.85
N VAL D 19 20.54 -25.54 -13.67
CA VAL D 19 19.63 -24.64 -14.44
C VAL D 19 18.72 -23.90 -13.46
N THR D 20 18.15 -22.78 -13.90
CA THR D 20 17.14 -21.98 -13.16
C THR D 20 16.01 -21.56 -14.10
N ILE D 21 14.77 -21.75 -13.66
CA ILE D 21 13.51 -21.26 -14.27
C ILE D 21 12.99 -20.15 -13.37
N THR D 22 12.51 -19.03 -13.93
CA THR D 22 11.80 -17.96 -13.16
C THR D 22 10.37 -17.82 -13.69
N CYS D 23 9.43 -17.48 -12.81
CA CYS D 23 8.01 -17.24 -13.16
C CYS D 23 7.51 -15.94 -12.51
N LYS D 24 6.87 -15.09 -13.31
CA LYS D 24 6.28 -13.80 -12.88
C LYS D 24 4.74 -13.92 -12.85
N ALA D 25 4.13 -13.56 -11.72
CA ALA D 25 2.67 -13.46 -11.54
C ALA D 25 2.22 -12.02 -11.85
N SER D 26 1.01 -11.87 -12.40
CA SER D 26 0.38 -10.55 -12.71
C SER D 26 -0.10 -9.87 -11.42
N GLN D 27 -0.18 -10.61 -10.31
CA GLN D 27 -0.52 -10.09 -8.94
C GLN D 27 0.43 -10.68 -7.91
N ASP D 28 0.46 -10.12 -6.70
CA ASP D 28 1.10 -10.74 -5.50
C ASP D 28 0.29 -11.99 -5.13
N ILE D 29 0.90 -13.17 -5.21
CA ILE D 29 0.22 -14.50 -4.99
C ILE D 29 0.63 -15.09 -3.63
N ASN D 30 1.19 -14.27 -2.72
CA ASN D 30 1.37 -14.58 -1.27
C ASN D 30 2.12 -15.91 -1.10
N GLU D 31 3.11 -16.18 -1.96
CA GLU D 31 4.05 -17.34 -1.91
C GLU D 31 3.33 -18.69 -2.11
N TYR D 32 2.11 -18.72 -2.66
CA TYR D 32 1.40 -19.98 -3.03
C TYR D 32 1.71 -20.31 -4.50
N ILE D 33 2.86 -20.95 -4.75
CA ILE D 33 3.29 -21.38 -6.11
C ILE D 33 3.93 -22.77 -6.04
N ALA D 34 3.17 -23.81 -6.42
CA ALA D 34 3.67 -25.20 -6.55
C ALA D 34 4.39 -25.35 -7.89
N TRP D 35 5.41 -26.23 -7.94
CA TRP D 35 6.20 -26.56 -9.16
C TRP D 35 6.05 -28.05 -9.47
N TYR D 36 5.71 -28.37 -10.73
CA TYR D 36 5.39 -29.75 -11.19
C TYR D 36 6.38 -30.18 -12.28
N GLN D 37 6.69 -31.49 -12.29
CA GLN D 37 7.51 -32.17 -13.33
C GLN D 37 6.58 -33.10 -14.13
N HIS D 38 6.49 -32.89 -15.44
CA HIS D 38 5.64 -33.65 -16.40
C HIS D 38 6.54 -34.43 -17.36
N LYS D 39 6.27 -35.72 -17.54
CA LYS D 39 7.01 -36.62 -18.47
C LYS D 39 6.02 -37.23 -19.47
N PRO D 40 6.44 -37.53 -20.73
CA PRO D 40 5.54 -38.11 -21.73
C PRO D 40 4.87 -39.42 -21.29
N GLY D 41 3.53 -39.43 -21.29
CA GLY D 41 2.69 -40.61 -20.98
C GLY D 41 2.59 -40.90 -19.48
N LYS D 42 2.95 -39.92 -18.62
CA LYS D 42 2.89 -40.04 -17.14
C LYS D 42 2.13 -38.84 -16.55
N GLY D 43 1.44 -39.05 -15.43
CA GLY D 43 0.83 -37.98 -14.62
C GLY D 43 1.91 -37.09 -13.99
N PRO D 44 1.75 -35.75 -13.96
CA PRO D 44 2.74 -34.88 -13.33
C PRO D 44 3.04 -35.18 -11.85
N ARG D 45 4.23 -34.80 -11.40
CA ARG D 45 4.68 -34.93 -9.99
C ARG D 45 4.78 -33.54 -9.37
N LEU D 46 4.26 -33.39 -8.15
CA LEU D 46 4.51 -32.22 -7.29
C LEU D 46 5.94 -32.33 -6.73
N LEU D 47 6.81 -31.38 -7.08
CA LEU D 47 8.21 -31.32 -6.57
C LEU D 47 8.30 -30.37 -5.38
N ILE D 48 7.79 -29.14 -5.53
CA ILE D 48 7.90 -28.05 -4.52
C ILE D 48 6.51 -27.42 -4.30
N HIS D 49 6.19 -27.07 -3.04
CA HIS D 49 4.92 -26.41 -2.64
C HIS D 49 5.20 -25.28 -1.64
N TYR D 50 4.15 -24.52 -1.30
CA TYR D 50 4.20 -23.10 -0.88
C TYR D 50 5.09 -22.37 -1.89
N THR D 51 6.33 -21.96 -1.54
CA THR D 51 7.32 -21.47 -2.54
C THR D 51 8.56 -22.39 -2.57
N SER D 52 9.05 -22.87 -1.42
CA SER D 52 10.37 -23.51 -1.27
C SER D 52 10.30 -24.94 -0.72
N THR D 53 9.14 -25.41 -0.26
CA THR D 53 8.99 -26.69 0.48
C THR D 53 9.02 -27.86 -0.51
N LEU D 54 10.05 -28.72 -0.44
CA LEU D 54 10.12 -29.97 -1.25
C LEU D 54 9.10 -30.97 -0.70
N GLN D 55 8.34 -31.61 -1.60
CA GLN D 55 7.42 -32.73 -1.31
C GLN D 55 8.24 -33.89 -0.76
N PRO D 56 7.79 -34.62 0.30
CA PRO D 56 8.57 -35.72 0.87
C PRO D 56 8.86 -36.83 -0.15
N GLY D 57 10.13 -37.23 -0.26
CA GLY D 57 10.63 -38.24 -1.22
C GLY D 57 11.33 -37.63 -2.42
N ILE D 58 11.19 -36.31 -2.65
CA ILE D 58 11.78 -35.59 -3.82
C ILE D 58 13.26 -35.33 -3.52
N PRO D 59 14.19 -35.60 -4.49
CA PRO D 59 15.61 -35.31 -4.30
C PRO D 59 15.92 -33.84 -3.93
N SER D 60 16.94 -33.62 -3.09
CA SER D 60 17.28 -32.29 -2.50
C SER D 60 18.05 -31.38 -3.48
N ARG D 61 18.18 -31.74 -4.76
CA ARG D 61 18.81 -30.88 -5.80
C ARG D 61 17.80 -29.85 -6.29
N PHE D 62 16.53 -30.26 -6.41
CA PHE D 62 15.39 -29.34 -6.69
C PHE D 62 15.32 -28.32 -5.55
N SER D 63 15.23 -27.04 -5.89
CA SER D 63 15.01 -25.94 -4.93
C SER D 63 14.35 -24.75 -5.64
N GLY D 64 13.52 -24.02 -4.90
CA GLY D 64 12.80 -22.83 -5.39
C GLY D 64 12.77 -21.75 -4.33
N SER D 65 12.75 -20.49 -4.78
CA SER D 65 12.86 -19.27 -3.94
C SER D 65 12.01 -18.14 -4.55
N GLY D 66 11.94 -17.01 -3.85
CA GLY D 66 11.23 -15.79 -4.31
C GLY D 66 9.99 -15.51 -3.49
N SER D 67 9.38 -14.34 -3.69
CA SER D 67 8.16 -13.88 -2.97
C SER D 67 7.63 -12.60 -3.62
N GLY D 68 6.31 -12.50 -3.78
CA GLY D 68 5.62 -11.30 -4.31
C GLY D 68 5.90 -11.10 -5.80
N ARG D 69 5.24 -11.89 -6.65
CA ARG D 69 5.19 -11.77 -8.14
C ARG D 69 6.43 -12.40 -8.80
N ASP D 70 7.55 -12.58 -8.09
CA ASP D 70 8.83 -13.08 -8.63
C ASP D 70 9.22 -14.36 -7.89
N TYR D 71 9.10 -15.51 -8.55
CA TYR D 71 9.42 -16.87 -8.01
C TYR D 71 10.37 -17.57 -8.97
N SER D 72 11.24 -18.42 -8.42
CA SER D 72 12.30 -19.15 -9.16
C SER D 72 12.32 -20.61 -8.71
N PHE D 73 12.68 -21.50 -9.64
CA PHE D 73 12.86 -22.96 -9.45
C PHE D 73 14.16 -23.36 -10.14
N SER D 74 14.87 -24.35 -9.60
CA SER D 74 16.22 -24.73 -10.06
C SER D 74 16.47 -26.23 -9.85
N ILE D 75 17.14 -26.87 -10.83
CA ILE D 75 17.67 -28.26 -10.73
C ILE D 75 19.20 -28.16 -10.70
N SER D 76 19.82 -28.61 -9.61
CA SER D 76 21.28 -28.81 -9.48
C SER D 76 21.62 -30.27 -9.83
N ASN D 77 22.89 -30.56 -10.13
CA ASN D 77 23.42 -31.93 -10.38
C ASN D 77 22.50 -32.66 -11.38
N LEU D 78 22.11 -31.97 -12.45
CA LEU D 78 21.00 -32.34 -13.37
C LEU D 78 21.27 -33.72 -13.98
N GLU D 79 20.43 -34.71 -13.64
CA GLU D 79 20.52 -36.11 -14.14
C GLU D 79 19.65 -36.26 -15.39
N PRO D 80 19.88 -37.29 -16.24
CA PRO D 80 19.03 -37.51 -17.42
C PRO D 80 17.56 -37.85 -17.06
N GLU D 81 17.32 -38.31 -15.83
CA GLU D 81 15.97 -38.55 -15.25
C GLU D 81 15.24 -37.22 -14.97
N ASP D 82 15.92 -36.07 -15.03
CA ASP D 82 15.31 -34.71 -14.84
C ASP D 82 14.89 -34.09 -16.18
N ILE D 83 15.15 -34.75 -17.31
CA ILE D 83 14.72 -34.26 -18.66
C ILE D 83 13.20 -34.43 -18.74
N ALA D 84 12.47 -33.32 -18.60
CA ALA D 84 11.00 -33.27 -18.41
C ALA D 84 10.49 -31.87 -18.76
N THR D 85 9.17 -31.67 -18.79
CA THR D 85 8.52 -30.34 -18.90
C THR D 85 8.11 -29.89 -17.49
N TYR D 86 8.50 -28.67 -17.10
CA TYR D 86 8.28 -28.10 -15.74
C TYR D 86 7.25 -26.96 -15.81
N TYR D 87 6.15 -27.13 -15.07
CA TYR D 87 5.05 -26.13 -14.91
C TYR D 87 5.06 -25.61 -13.47
N CYS D 88 4.81 -24.32 -13.29
CA CYS D 88 4.42 -23.73 -11.98
C CYS D 88 2.89 -23.66 -11.92
N LEU D 89 2.35 -23.47 -10.72
CA LEU D 89 0.90 -23.34 -10.43
C LEU D 89 0.70 -22.24 -9.39
N GLN D 90 0.08 -21.12 -9.76
CA GLN D 90 -0.51 -20.15 -8.78
C GLN D 90 -1.68 -20.87 -8.12
N TYR D 91 -1.72 -20.92 -6.78
CA TYR D 91 -2.81 -21.57 -6.00
C TYR D 91 -3.18 -20.72 -4.77
N ASP D 92 -3.03 -19.40 -4.87
CA ASP D 92 -3.46 -18.43 -3.83
C ASP D 92 -4.99 -18.39 -3.78
N ASN D 93 -5.63 -18.26 -4.95
CA ASN D 93 -7.10 -18.34 -5.15
C ASN D 93 -7.46 -19.76 -5.61
N LEU D 94 -8.74 -20.17 -5.47
CA LEU D 94 -9.25 -21.46 -6.01
C LEU D 94 -9.47 -21.36 -7.53
N LEU D 95 -9.33 -20.15 -8.11
CA LEU D 95 -9.05 -19.97 -9.56
C LEU D 95 -7.56 -20.28 -9.80
N TRP D 96 -7.24 -21.56 -10.01
CA TRP D 96 -5.87 -22.05 -10.30
C TRP D 96 -5.47 -21.63 -11.72
N THR D 97 -4.21 -21.24 -11.90
CA THR D 97 -3.59 -21.01 -13.23
C THR D 97 -2.17 -21.57 -13.23
N PHE D 98 -1.83 -22.33 -14.27
CA PHE D 98 -0.47 -22.89 -14.51
C PHE D 98 0.36 -21.89 -15.30
N GLY D 99 1.68 -21.93 -15.12
CA GLY D 99 2.65 -21.28 -16.02
C GLY D 99 2.63 -21.93 -17.38
N GLY D 100 3.19 -21.27 -18.39
CA GLY D 100 3.20 -21.71 -19.81
C GLY D 100 3.96 -23.01 -20.02
N GLY D 101 4.79 -23.44 -19.05
CA GLY D 101 5.61 -24.67 -19.12
C GLY D 101 6.97 -24.39 -19.71
N THR D 102 8.01 -25.00 -19.15
CA THR D 102 9.42 -24.98 -19.64
C THR D 102 9.79 -26.40 -20.06
N LYS D 103 10.06 -26.62 -21.36
CA LYS D 103 10.55 -27.92 -21.86
C LYS D 103 12.07 -28.00 -21.66
N LEU D 104 12.51 -28.79 -20.68
CA LEU D 104 13.96 -29.01 -20.40
C LEU D 104 14.51 -30.02 -21.41
N GLU D 105 15.76 -29.84 -21.82
CA GLU D 105 16.43 -30.60 -22.91
C GLU D 105 17.90 -30.83 -22.55
N ILE D 106 18.48 -31.93 -23.06
CA ILE D 106 19.95 -32.23 -22.97
C ILE D 106 20.64 -31.51 -24.14
N LYS D 107 21.67 -30.70 -23.84
CA LYS D 107 22.43 -29.89 -24.84
C LYS D 107 23.46 -30.79 -25.52
N GLN E 1 0.29 41.72 -18.82
CA GLN E 1 0.61 41.17 -20.19
C GLN E 1 1.74 40.13 -20.08
N VAL E 2 1.60 39.00 -20.78
CA VAL E 2 2.65 37.96 -21.00
C VAL E 2 2.60 37.54 -22.48
N THR E 3 3.75 37.19 -23.07
CA THR E 3 3.86 36.73 -24.49
C THR E 3 5.10 35.84 -24.66
N LEU E 4 4.99 34.82 -25.52
CA LEU E 4 6.13 34.03 -26.07
C LEU E 4 5.97 33.95 -27.59
N LYS E 5 7.09 33.96 -28.33
CA LYS E 5 7.11 33.92 -29.82
C LYS E 5 8.25 33.01 -30.30
N GLU E 6 7.89 31.85 -30.89
CA GLU E 6 8.86 30.86 -31.42
C GLU E 6 9.28 31.29 -32.83
N SER E 7 10.53 31.01 -33.20
CA SER E 7 11.10 31.27 -34.54
C SER E 7 12.16 30.22 -34.88
N GLY E 8 12.35 29.94 -36.17
CA GLY E 8 13.24 28.86 -36.67
C GLY E 8 13.46 28.93 -38.17
N PRO E 9 14.15 27.91 -38.75
CA PRO E 9 14.52 27.93 -40.17
C PRO E 9 13.37 27.61 -41.15
N GLY E 10 12.38 26.83 -40.71
CA GLY E 10 11.19 26.46 -41.53
C GLY E 10 11.43 25.21 -42.37
N ILE E 11 12.55 25.15 -43.11
CA ILE E 11 12.91 24.04 -44.04
C ILE E 11 14.31 23.53 -43.68
N LEU E 12 14.46 22.19 -43.58
CA LEU E 12 15.72 21.48 -43.26
C LEU E 12 15.79 20.15 -44.02
N GLN E 13 16.90 19.41 -43.90
CA GLN E 13 17.05 18.01 -44.39
C GLN E 13 17.78 17.17 -43.34
N PRO E 14 17.59 15.82 -43.29
CA PRO E 14 18.06 14.99 -42.18
C PRO E 14 19.55 14.98 -41.78
N SER E 15 20.45 15.50 -42.62
CA SER E 15 21.89 15.71 -42.29
C SER E 15 22.08 16.88 -41.31
N GLN E 16 21.09 17.79 -41.21
CA GLN E 16 21.23 19.17 -40.68
C GLN E 16 20.88 19.20 -39.18
N THR E 17 21.01 20.38 -38.55
CA THR E 17 20.60 20.65 -37.14
C THR E 17 19.64 21.86 -37.10
N LEU E 18 18.76 21.86 -36.10
CA LEU E 18 17.58 22.78 -35.98
C LEU E 18 17.81 23.74 -34.79
N SER E 19 17.82 25.05 -35.07
CA SER E 19 18.12 26.14 -34.09
C SER E 19 16.84 26.94 -33.80
N LEU E 20 15.98 26.41 -32.93
CA LEU E 20 14.73 27.07 -32.48
C LEU E 20 15.08 28.16 -31.47
N THR E 21 14.42 29.33 -31.59
CA THR E 21 14.55 30.48 -30.65
C THR E 21 13.15 30.89 -30.18
N CYS E 22 13.06 31.43 -28.96
CA CYS E 22 11.79 31.83 -28.30
C CYS E 22 11.99 33.16 -27.54
N SER E 23 11.59 34.27 -28.15
CA SER E 23 11.51 35.61 -27.51
C SER E 23 10.26 35.65 -26.61
N PHE E 24 10.35 36.30 -25.44
CA PHE E 24 9.23 36.40 -24.47
C PHE E 24 9.26 37.74 -23.72
N SER E 25 8.11 38.10 -23.12
CA SER E 25 7.86 39.36 -22.37
C SER E 25 6.78 39.15 -21.30
N GLY E 26 6.71 40.05 -20.32
CA GLY E 26 5.88 39.91 -19.10
C GLY E 26 6.66 39.24 -17.97
N PHE E 27 7.73 38.51 -18.30
CA PHE E 27 8.67 37.83 -17.38
C PHE E 27 10.06 37.83 -18.02
N SER E 28 11.13 37.68 -17.23
CA SER E 28 12.54 37.74 -17.71
C SER E 28 13.31 36.43 -17.48
N LEU E 29 12.76 35.48 -16.71
CA LEU E 29 13.31 34.11 -16.46
C LEU E 29 14.66 34.16 -15.69
N SER E 30 15.00 35.30 -15.08
CA SER E 30 15.93 35.40 -13.92
C SER E 30 15.13 35.39 -12.61
N THR E 31 13.80 35.58 -12.69
CA THR E 31 12.88 35.62 -11.52
C THR E 31 12.77 34.22 -10.90
N SER E 32 12.82 34.14 -9.57
CA SER E 32 12.78 32.88 -8.79
C SER E 32 11.47 32.13 -9.05
N GLY E 33 11.57 30.83 -9.34
CA GLY E 33 10.45 29.91 -9.60
C GLY E 33 9.92 29.93 -11.03
N MET E 34 10.38 30.85 -11.87
CA MET E 34 9.93 31.00 -13.28
C MET E 34 10.63 29.97 -14.15
N GLY E 35 9.97 29.48 -15.20
CA GLY E 35 10.52 28.48 -16.14
C GLY E 35 9.98 28.66 -17.56
N VAL E 36 10.72 28.15 -18.54
CA VAL E 36 10.27 27.99 -19.95
C VAL E 36 10.54 26.55 -20.38
N SER E 37 9.69 26.03 -21.25
CA SER E 37 9.69 24.62 -21.73
C SER E 37 9.38 24.58 -23.22
N TRP E 38 9.79 23.51 -23.89
CA TRP E 38 9.46 23.26 -25.33
C TRP E 38 8.59 22.01 -25.45
N ILE E 39 7.50 22.15 -26.18
CA ILE E 39 6.52 21.08 -26.54
C ILE E 39 6.36 21.12 -28.06
N ARG E 40 6.13 19.97 -28.68
CA ARG E 40 5.99 19.88 -30.15
C ARG E 40 4.76 19.02 -30.49
N LYS E 41 4.01 19.42 -31.52
CA LYS E 41 2.91 18.63 -32.13
C LYS E 41 3.40 18.06 -33.47
N PRO E 42 3.78 16.76 -33.55
CA PRO E 42 4.19 16.16 -34.82
C PRO E 42 3.02 16.09 -35.82
N SER E 43 3.33 16.11 -37.12
CA SER E 43 2.35 16.20 -38.24
C SER E 43 1.31 15.08 -38.13
N GLY E 44 0.05 15.45 -37.88
CA GLY E 44 -1.10 14.53 -37.76
C GLY E 44 -1.06 13.71 -36.48
N LYS E 45 -0.58 14.30 -35.36
CA LYS E 45 -0.32 13.58 -34.09
C LYS E 45 -0.50 14.52 -32.89
N GLY E 46 -0.66 13.94 -31.69
CA GLY E 46 -0.85 14.65 -30.41
C GLY E 46 0.45 15.23 -29.87
N LEU E 47 0.36 16.13 -28.88
CA LEU E 47 1.50 16.89 -28.29
C LEU E 47 2.48 15.93 -27.59
N GLU E 48 3.78 16.27 -27.61
CA GLU E 48 4.84 15.66 -26.78
C GLU E 48 5.78 16.76 -26.27
N TRP E 49 6.15 16.68 -24.99
CA TRP E 49 7.11 17.60 -24.31
C TRP E 49 8.54 17.25 -24.74
N LEU E 50 9.41 18.25 -24.90
CA LEU E 50 10.84 18.08 -25.31
C LEU E 50 11.78 18.39 -24.14
N ALA E 51 11.73 19.62 -23.61
CA ALA E 51 12.81 20.21 -22.77
C ALA E 51 12.27 21.27 -21.80
N HIS E 52 12.96 21.43 -20.66
CA HIS E 52 12.75 22.49 -19.64
C HIS E 52 14.02 23.33 -19.49
N ILE E 53 13.89 24.63 -19.19
CA ILE E 53 14.97 25.45 -18.59
C ILE E 53 14.35 26.36 -17.52
N PHE E 54 14.98 26.40 -16.34
CA PHE E 54 14.44 27.03 -15.10
C PHE E 54 15.21 28.32 -14.78
N TRP E 55 14.67 29.07 -13.82
CA TRP E 55 15.22 30.35 -13.27
C TRP E 55 16.69 30.19 -12.85
N ASP E 56 17.03 29.06 -12.22
CA ASP E 56 18.36 28.77 -11.65
C ASP E 56 19.28 28.14 -12.71
N ASP E 57 18.91 28.22 -13.99
CA ASP E 57 19.65 27.68 -15.17
C ASP E 57 19.74 26.14 -15.10
N ASP E 58 18.84 25.49 -14.34
CA ASP E 58 18.67 24.02 -14.31
C ASP E 58 17.90 23.62 -15.58
N LYS E 59 18.05 22.36 -16.03
CA LYS E 59 17.53 21.88 -17.33
C LYS E 59 16.98 20.46 -17.21
N ARG E 60 16.02 20.13 -18.07
CA ARG E 60 15.47 18.76 -18.24
C ARG E 60 15.23 18.50 -19.73
N TYR E 61 15.27 17.22 -20.13
CA TYR E 61 15.08 16.75 -21.53
C TYR E 61 14.24 15.46 -21.52
N ASN E 62 13.55 15.21 -22.64
CA ASN E 62 12.71 14.00 -22.85
C ASN E 62 13.65 12.80 -23.00
N PRO E 63 13.54 11.74 -22.15
CA PRO E 63 14.36 10.53 -22.31
C PRO E 63 14.39 9.93 -23.72
N SER E 64 13.30 10.08 -24.49
CA SER E 64 13.15 9.60 -25.89
C SER E 64 14.01 10.44 -26.86
N LEU E 65 14.36 11.68 -26.50
CA LEU E 65 15.14 12.62 -27.36
C LEU E 65 16.37 13.19 -26.63
N LYS E 66 16.64 12.79 -25.37
CA LYS E 66 17.62 13.45 -24.46
C LYS E 66 18.97 13.70 -25.16
N SER E 67 19.38 12.82 -26.07
CA SER E 67 20.72 12.83 -26.74
C SER E 67 20.89 14.04 -27.67
N ARG E 68 19.80 14.50 -28.31
CA ARG E 68 19.85 15.44 -29.47
C ARG E 68 18.98 16.67 -29.21
N LEU E 69 18.85 17.11 -27.95
CA LEU E 69 18.29 18.42 -27.56
C LEU E 69 19.28 19.12 -26.62
N THR E 70 19.51 20.41 -26.81
CA THR E 70 20.25 21.28 -25.85
C THR E 70 19.51 22.62 -25.73
N ILE E 71 19.06 22.97 -24.52
CA ILE E 71 18.28 24.21 -24.21
C ILE E 71 19.25 25.24 -23.58
N SER E 72 19.09 26.53 -23.96
CA SER E 72 19.94 27.66 -23.52
C SER E 72 19.08 28.90 -23.20
N LYS E 73 19.63 29.89 -22.48
CA LYS E 73 18.91 31.10 -21.96
C LYS E 73 19.76 32.37 -22.18
N ASP E 74 19.10 33.52 -22.40
CA ASP E 74 19.71 34.87 -22.52
C ASP E 74 18.70 35.92 -21.99
N THR E 75 18.74 36.22 -20.69
CA THR E 75 17.82 37.19 -20.01
C THR E 75 18.29 38.64 -20.25
N SER E 76 19.48 38.82 -20.83
CA SER E 76 19.97 40.11 -21.38
C SER E 76 19.03 40.61 -22.50
N SER E 77 18.36 39.70 -23.22
CA SER E 77 17.42 40.02 -24.33
C SER E 77 16.08 39.27 -24.19
N ASN E 78 15.81 38.63 -23.03
CA ASN E 78 14.60 37.82 -22.75
C ASN E 78 14.37 36.80 -23.89
N GLN E 79 15.31 35.88 -24.08
CA GLN E 79 15.22 34.80 -25.11
C GLN E 79 15.68 33.46 -24.53
N VAL E 80 15.09 32.38 -25.03
CA VAL E 80 15.51 30.96 -24.79
C VAL E 80 15.71 30.29 -26.15
N PHE E 81 16.67 29.38 -26.23
CA PHE E 81 17.08 28.64 -27.46
C PHE E 81 16.97 27.13 -27.20
N LEU E 82 16.42 26.37 -28.14
CA LEU E 82 16.50 24.88 -28.18
C LEU E 82 17.21 24.47 -29.47
N MET E 83 18.32 23.74 -29.35
CA MET E 83 19.08 23.17 -30.49
C MET E 83 18.82 21.66 -30.55
N ILE E 84 18.30 21.17 -31.69
CA ILE E 84 17.99 19.74 -31.92
C ILE E 84 18.94 19.20 -32.99
N THR E 85 19.72 18.16 -32.66
CA THR E 85 20.78 17.57 -33.51
C THR E 85 20.27 16.33 -34.25
N SER E 86 21.07 15.82 -35.21
CA SER E 86 20.93 14.50 -35.87
C SER E 86 19.48 14.27 -36.30
N ILE E 87 19.01 15.07 -37.25
CA ILE E 87 17.57 15.22 -37.63
C ILE E 87 17.10 13.97 -38.40
N ASP E 88 15.80 13.67 -38.31
CA ASP E 88 15.07 12.68 -39.13
C ASP E 88 13.79 13.35 -39.65
N THR E 89 13.15 12.81 -40.69
CA THR E 89 11.88 13.32 -41.26
C THR E 89 10.72 13.11 -40.25
N ALA E 90 10.95 12.34 -39.18
CA ALA E 90 10.07 12.21 -37.99
C ALA E 90 9.95 13.54 -37.22
N ASP E 91 10.88 14.49 -37.43
CA ASP E 91 10.93 15.80 -36.71
C ASP E 91 9.99 16.85 -37.33
N THR E 92 9.22 16.49 -38.37
CA THR E 92 8.22 17.41 -39.01
C THR E 92 7.07 17.67 -38.01
N ALA E 93 6.98 18.90 -37.49
CA ALA E 93 6.10 19.27 -36.37
C ALA E 93 5.87 20.78 -36.35
N THR E 94 4.94 21.24 -35.50
CA THR E 94 4.94 22.61 -34.93
C THR E 94 5.55 22.55 -33.53
N TYR E 95 6.49 23.46 -33.25
CA TYR E 95 7.26 23.55 -31.97
C TYR E 95 6.75 24.74 -31.16
N TYR E 96 6.21 24.46 -29.97
CA TYR E 96 5.65 25.47 -29.03
C TYR E 96 6.62 25.71 -27.88
N CYS E 97 6.72 26.97 -27.47
CA CYS E 97 7.50 27.48 -26.32
C CYS E 97 6.50 27.95 -25.25
N ALA E 98 6.52 27.34 -24.06
CA ALA E 98 5.48 27.50 -23.03
C ALA E 98 6.09 27.89 -21.68
N ARG E 99 5.47 28.82 -20.97
CA ARG E 99 6.01 29.44 -19.73
C ARG E 99 5.37 28.76 -18.52
N ARG E 100 6.20 28.12 -17.69
CA ARG E 100 5.82 27.48 -16.41
C ARG E 100 6.05 28.49 -15.27
N THR E 101 5.37 28.30 -14.13
CA THR E 101 5.39 29.17 -12.93
C THR E 101 5.59 28.32 -11.67
N TRP E 102 5.83 28.98 -10.52
CA TRP E 102 6.15 28.34 -9.21
C TRP E 102 4.86 27.92 -8.49
N LEU E 103 3.79 28.72 -8.59
CA LEU E 103 2.54 28.55 -7.78
C LEU E 103 1.66 27.46 -8.41
N LEU E 104 1.48 27.49 -9.73
CA LEU E 104 0.92 26.35 -10.52
C LEU E 104 2.01 25.86 -11.49
N HIS E 105 2.33 24.57 -11.45
CA HIS E 105 3.58 23.97 -12.01
C HIS E 105 3.43 23.64 -13.50
N ALA E 106 2.20 23.49 -14.00
CA ALA E 106 1.90 23.32 -15.44
C ALA E 106 2.12 24.66 -16.16
N MET E 107 2.33 24.64 -17.48
CA MET E 107 2.57 25.86 -18.28
C MET E 107 1.24 26.61 -18.47
N ASP E 108 1.26 27.94 -18.39
CA ASP E 108 0.03 28.79 -18.41
C ASP E 108 -0.05 29.55 -19.74
N TYR E 109 1.06 30.15 -20.20
CA TYR E 109 1.14 30.88 -21.50
C TYR E 109 1.99 30.08 -22.49
N TRP E 110 1.44 29.84 -23.69
CA TRP E 110 2.13 29.26 -24.87
C TRP E 110 2.31 30.36 -25.91
N GLY E 111 3.31 30.22 -26.79
CA GLY E 111 3.37 30.94 -28.08
C GLY E 111 2.46 30.29 -29.09
N GLN E 112 2.31 30.88 -30.28
CA GLN E 112 1.46 30.36 -31.38
C GLN E 112 2.12 29.16 -32.07
N GLY E 113 3.38 28.86 -31.74
CA GLY E 113 4.18 27.77 -32.33
C GLY E 113 4.85 28.20 -33.62
N THR E 114 5.86 27.44 -34.06
CA THR E 114 6.55 27.61 -35.37
C THR E 114 6.62 26.23 -36.05
N SER E 115 6.33 26.17 -37.35
CA SER E 115 6.35 24.92 -38.16
C SER E 115 7.78 24.68 -38.69
N VAL E 116 8.22 23.41 -38.69
CA VAL E 116 9.51 22.97 -39.28
C VAL E 116 9.22 21.80 -40.22
N THR E 117 9.79 21.84 -41.43
CA THR E 117 9.65 20.81 -42.50
C THR E 117 11.03 20.19 -42.75
N VAL E 118 11.05 18.88 -43.01
CA VAL E 118 12.30 18.05 -43.12
C VAL E 118 12.14 17.12 -44.33
N SER E 119 12.43 17.65 -45.53
CA SER E 119 12.30 16.94 -46.82
C SER E 119 13.16 17.62 -47.90
N SER E 120 13.41 16.89 -49.00
CA SER E 120 14.27 17.32 -50.14
C SER E 120 13.58 18.46 -50.91
N ASP F 1 7.74 6.04 -19.80
CA ASP F 1 6.99 7.27 -19.40
C ASP F 1 5.67 6.88 -18.73
N ILE F 2 5.02 7.81 -18.03
CA ILE F 2 3.60 7.68 -17.60
C ILE F 2 2.73 7.84 -18.85
N GLN F 3 1.83 6.89 -19.12
CA GLN F 3 0.89 6.92 -20.27
C GLN F 3 -0.43 7.57 -19.81
N MET F 4 -0.82 8.65 -20.49
CA MET F 4 -2.13 9.34 -20.31
C MET F 4 -3.00 9.02 -21.53
N THR F 5 -4.18 8.40 -21.32
CA THR F 5 -5.10 7.96 -22.40
C THR F 5 -6.49 8.58 -22.18
N GLN F 6 -6.87 9.54 -23.03
CA GLN F 6 -8.23 10.15 -23.09
C GLN F 6 -9.16 9.18 -23.81
N SER F 7 -10.34 8.89 -23.23
CA SER F 7 -11.25 7.81 -23.70
C SER F 7 -11.90 8.16 -25.04
N PRO F 8 -12.49 9.37 -25.28
CA PRO F 8 -12.83 9.79 -26.63
C PRO F 8 -11.64 10.42 -27.37
N SER F 9 -11.26 9.86 -28.51
CA SER F 9 -10.29 10.46 -29.48
C SER F 9 -10.98 11.58 -30.27
N SER F 10 -12.27 11.40 -30.56
CA SER F 10 -13.17 12.40 -31.21
C SER F 10 -14.52 12.41 -30.47
N LEU F 11 -15.19 13.56 -30.41
CA LEU F 11 -16.42 13.78 -29.60
C LEU F 11 -17.32 14.79 -30.32
N SER F 12 -18.42 14.34 -30.92
CA SER F 12 -19.43 15.18 -31.61
C SER F 12 -20.62 15.46 -30.67
N ALA F 13 -21.08 16.71 -30.62
CA ALA F 13 -22.02 17.23 -29.59
C ALA F 13 -22.91 18.35 -30.15
N SER F 14 -24.07 18.57 -29.53
CA SER F 14 -25.00 19.69 -29.82
C SER F 14 -24.48 20.98 -29.17
N LEU F 15 -24.77 22.13 -29.79
CA LEU F 15 -24.60 23.47 -29.16
C LEU F 15 -25.66 23.63 -28.07
N GLY F 16 -25.25 24.15 -26.90
CA GLY F 16 -26.09 24.26 -25.69
C GLY F 16 -26.13 22.98 -24.87
N GLY F 17 -25.49 21.90 -25.35
CA GLY F 17 -25.45 20.58 -24.68
C GLY F 17 -24.36 20.51 -23.64
N LYS F 18 -24.13 19.31 -23.08
CA LYS F 18 -23.01 19.01 -22.14
C LYS F 18 -22.26 17.77 -22.64
N VAL F 19 -20.93 17.75 -22.47
CA VAL F 19 -20.03 16.61 -22.83
C VAL F 19 -19.09 16.34 -21.65
N THR F 20 -18.52 15.13 -21.60
CA THR F 20 -17.50 14.71 -20.61
C THR F 20 -16.39 13.94 -21.33
N ILE F 21 -15.14 14.29 -21.03
CA ILE F 21 -13.89 13.58 -21.42
C ILE F 21 -13.33 12.94 -20.15
N THR F 22 -12.86 11.69 -20.21
CA THR F 22 -12.13 11.03 -19.09
C THR F 22 -10.72 10.69 -19.55
N CYS F 23 -9.75 10.73 -18.62
CA CYS F 23 -8.34 10.36 -18.88
C CYS F 23 -7.81 9.45 -17.76
N LYS F 24 -7.17 8.34 -18.15
CA LYS F 24 -6.57 7.34 -17.25
C LYS F 24 -5.03 7.46 -17.31
N ALA F 25 -4.40 7.59 -16.15
CA ALA F 25 -2.93 7.58 -15.97
C ALA F 25 -2.48 6.14 -15.68
N SER F 26 -1.28 5.76 -16.14
CA SER F 26 -0.65 4.44 -15.89
C SER F 26 -0.15 4.34 -14.45
N GLN F 27 -0.03 5.47 -13.74
CA GLN F 27 0.34 5.56 -12.30
C GLN F 27 -0.61 6.54 -11.58
N ASP F 28 -0.60 6.52 -10.23
CA ASP F 28 -1.21 7.57 -9.39
C ASP F 28 -0.40 8.87 -9.58
N ILE F 29 -1.03 9.92 -10.13
CA ILE F 29 -0.35 11.21 -10.48
C ILE F 29 -0.75 12.32 -9.48
N ASN F 30 -1.27 11.94 -8.30
CA ASN F 30 -1.41 12.82 -7.11
C ASN F 30 -2.17 14.11 -7.48
N GLU F 31 -3.18 14.00 -8.34
CA GLU F 31 -4.13 15.07 -8.77
C GLU F 31 -3.43 16.22 -9.52
N TYR F 32 -2.22 16.03 -10.06
CA TYR F 32 -1.53 17.02 -10.92
C TYR F 32 -1.87 16.73 -12.39
N ILE F 33 -3.02 17.19 -12.85
CA ILE F 33 -3.49 17.03 -14.27
C ILE F 33 -4.14 18.33 -14.75
N ALA F 34 -3.41 19.11 -15.55
CA ALA F 34 -3.91 20.33 -16.23
C ALA F 34 -4.67 19.92 -17.49
N TRP F 35 -5.69 20.70 -17.88
CA TRP F 35 -6.51 20.50 -19.11
C TRP F 35 -6.38 21.73 -20.01
N TYR F 36 -6.08 21.51 -21.29
CA TYR F 36 -5.77 22.57 -22.29
C TYR F 36 -6.78 22.52 -23.45
N GLN F 37 -7.11 23.70 -23.97
CA GLN F 37 -7.95 23.91 -25.18
C GLN F 37 -7.04 24.42 -26.32
N HIS F 38 -6.99 23.69 -27.43
CA HIS F 38 -6.15 23.98 -28.62
C HIS F 38 -7.08 24.30 -29.82
N LYS F 39 -6.83 25.42 -30.51
CA LYS F 39 -7.59 25.86 -31.71
C LYS F 39 -6.63 26.00 -32.89
N PRO F 40 -7.08 25.75 -34.15
CA PRO F 40 -6.21 25.86 -35.33
C PRO F 40 -5.54 27.24 -35.48
N GLY F 41 -4.20 27.24 -35.51
CA GLY F 41 -3.36 28.44 -35.73
C GLY F 41 -3.22 29.32 -34.49
N LYS F 42 -3.56 28.79 -33.29
CA LYS F 42 -3.47 29.50 -32.00
C LYS F 42 -2.70 28.64 -30.99
N GLY F 43 -1.98 29.29 -30.07
CA GLY F 43 -1.34 28.66 -28.90
C GLY F 43 -2.39 28.11 -27.94
N PRO F 44 -2.23 26.89 -27.36
CA PRO F 44 -3.20 26.35 -26.41
C PRO F 44 -3.47 27.25 -25.18
N ARG F 45 -4.65 27.09 -24.58
CA ARG F 45 -5.07 27.78 -23.34
C ARG F 45 -5.14 26.77 -22.20
N LEU F 46 -4.59 27.14 -21.04
CA LEU F 46 -4.82 26.41 -19.77
C LEU F 46 -6.23 26.75 -19.28
N LEU F 47 -7.11 25.75 -19.17
CA LEU F 47 -8.50 25.91 -18.66
C LEU F 47 -8.55 25.54 -17.18
N ILE F 48 -8.03 24.35 -16.83
CA ILE F 48 -8.12 23.77 -15.45
C ILE F 48 -6.73 23.28 -15.02
N HIS F 49 -6.37 23.49 -13.75
CA HIS F 49 -5.08 23.05 -13.13
C HIS F 49 -5.32 22.44 -11.74
N TYR F 50 -4.27 21.88 -11.15
CA TYR F 50 -4.30 20.75 -10.19
C TYR F 50 -5.21 19.68 -10.79
N THR F 51 -6.44 19.44 -10.28
CA THR F 51 -7.45 18.59 -10.96
C THR F 51 -8.69 19.41 -11.33
N SER F 52 -9.16 20.33 -10.47
CA SER F 52 -10.49 20.98 -10.57
C SER F 52 -10.41 22.51 -10.66
N THR F 53 -9.23 23.12 -10.46
CA THR F 53 -9.08 24.60 -10.31
C THR F 53 -9.15 25.25 -11.70
N LEU F 54 -10.18 26.06 -11.97
CA LEU F 54 -10.27 26.87 -13.21
C LEU F 54 -9.25 28.01 -13.14
N GLN F 55 -8.53 28.21 -14.25
CA GLN F 55 -7.60 29.36 -14.46
C GLN F 55 -8.43 30.64 -14.42
N PRO F 56 -7.95 31.74 -13.76
CA PRO F 56 -8.73 32.98 -13.68
C PRO F 56 -9.04 33.58 -15.06
N GLY F 57 -10.33 33.91 -15.29
CA GLY F 57 -10.84 34.43 -16.58
C GLY F 57 -11.56 33.37 -17.41
N ILE F 58 -11.42 32.09 -17.07
CA ILE F 58 -12.04 30.94 -17.82
C ILE F 58 -13.51 30.83 -17.41
N PRO F 59 -14.46 30.68 -18.37
CA PRO F 59 -15.88 30.49 -18.06
C PRO F 59 -16.17 29.31 -17.12
N SER F 60 -17.16 29.46 -16.23
CA SER F 60 -17.49 28.49 -15.13
C SER F 60 -18.27 27.25 -15.64
N ARG F 61 -18.42 27.06 -16.96
CA ARG F 61 -19.07 25.86 -17.54
C ARG F 61 -18.07 24.71 -17.58
N PHE F 62 -16.81 25.03 -17.90
CA PHE F 62 -15.67 24.08 -17.79
C PHE F 62 -15.56 23.62 -16.33
N SER F 63 -15.48 22.31 -16.12
CA SER F 63 -15.22 21.70 -14.80
C SER F 63 -14.57 20.33 -14.97
N GLY F 64 -13.72 19.96 -14.01
CA GLY F 64 -13.00 18.67 -13.98
C GLY F 64 -12.95 18.12 -12.58
N SER F 65 -12.92 16.78 -12.47
CA SER F 65 -13.00 16.02 -11.20
C SER F 65 -12.16 14.74 -11.32
N GLY F 66 -12.06 13.98 -10.21
CA GLY F 66 -11.36 12.69 -10.15
C GLY F 66 -10.09 12.78 -9.31
N SER F 67 -9.48 11.63 -9.02
CA SER F 67 -8.24 11.49 -8.21
C SER F 67 -7.71 10.06 -8.28
N GLY F 68 -6.40 9.89 -8.42
CA GLY F 68 -5.71 8.59 -8.43
C GLY F 68 -6.03 7.80 -9.69
N ARG F 69 -5.38 8.16 -10.81
CA ARG F 69 -5.37 7.44 -12.12
C ARG F 69 -6.62 7.74 -12.96
N ASP F 70 -7.72 8.21 -12.35
CA ASP F 70 -9.03 8.43 -13.02
C ASP F 70 -9.41 9.91 -12.86
N TYR F 71 -9.31 10.69 -13.95
CA TYR F 71 -9.64 12.14 -14.00
C TYR F 71 -10.60 12.40 -15.15
N SER F 72 -11.47 13.40 -14.97
CA SER F 72 -12.56 13.77 -15.92
C SER F 72 -12.57 15.28 -16.11
N PHE F 73 -12.96 15.71 -17.31
CA PHE F 73 -13.15 17.12 -17.74
C PHE F 73 -14.46 17.21 -18.50
N SER F 74 -15.18 18.33 -18.39
CA SER F 74 -16.54 18.50 -18.95
C SER F 74 -16.79 19.94 -19.36
N ILE F 75 -17.48 20.13 -20.50
CA ILE F 75 -18.02 21.43 -20.98
C ILE F 75 -19.55 21.35 -20.87
N SER F 76 -20.14 22.21 -20.04
CA SER F 76 -21.61 22.46 -19.97
C SER F 76 -21.96 23.64 -20.89
N ASN F 77 -23.24 23.78 -21.25
CA ASN F 77 -23.78 24.94 -22.03
C ASN F 77 -22.91 25.19 -23.26
N LEU F 78 -22.53 24.12 -23.96
CA LEU F 78 -21.44 24.07 -24.99
C LEU F 78 -21.74 25.09 -26.10
N GLU F 79 -20.90 26.12 -26.22
CA GLU F 79 -21.01 27.19 -27.24
C GLU F 79 -20.17 26.82 -28.46
N PRO F 80 -20.41 27.40 -29.67
CA PRO F 80 -19.58 27.11 -30.84
C PRO F 80 -18.12 27.57 -30.69
N GLU F 81 -17.86 28.50 -29.76
CA GLU F 81 -16.50 28.95 -29.36
C GLU F 81 -15.75 27.85 -28.57
N ASP F 82 -16.42 26.78 -28.14
CA ASP F 82 -15.80 25.63 -27.43
C ASP F 82 -15.41 24.50 -28.40
N ILE F 83 -15.70 24.63 -29.69
CA ILE F 83 -15.29 23.64 -30.73
C ILE F 83 -13.77 23.75 -30.90
N ALA F 84 -13.03 22.80 -30.35
CA ALA F 84 -11.56 22.82 -30.18
C ALA F 84 -11.05 21.40 -29.94
N THR F 85 -9.72 21.21 -29.92
CA THR F 85 -9.07 19.95 -29.48
C THR F 85 -8.62 20.11 -28.02
N TYR F 86 -8.99 19.16 -27.16
CA TYR F 86 -8.73 19.21 -25.69
C TYR F 86 -7.70 18.14 -25.31
N TYR F 87 -6.58 18.58 -24.73
CA TYR F 87 -5.49 17.75 -24.20
C TYR F 87 -5.46 17.87 -22.68
N CYS F 88 -5.19 16.75 -21.98
CA CYS F 88 -4.77 16.75 -20.55
C CYS F 88 -3.23 16.71 -20.50
N LEU F 89 -2.66 17.04 -19.34
CA LEU F 89 -1.21 17.03 -19.06
C LEU F 89 -0.98 16.46 -17.66
N GLN F 90 -0.36 15.28 -17.56
CA GLN F 90 0.25 14.80 -16.28
C GLN F 90 1.44 15.72 -16.00
N TYR F 91 1.50 16.33 -14.81
CA TYR F 91 2.60 17.23 -14.39
C TYR F 91 3.00 16.96 -12.92
N ASP F 92 2.87 15.71 -12.46
CA ASP F 92 3.32 15.25 -11.12
C ASP F 92 4.85 15.22 -11.10
N ASN F 93 5.47 14.65 -12.14
CA ASN F 93 6.93 14.63 -12.38
C ASN F 93 7.28 15.73 -13.39
N LEU F 94 8.55 16.15 -13.47
CA LEU F 94 9.04 17.11 -14.50
C LEU F 94 9.23 16.40 -15.84
N LEU F 95 9.09 15.06 -15.88
CA LEU F 95 8.78 14.30 -17.11
C LEU F 95 7.28 14.48 -17.42
N TRP F 96 6.95 15.57 -18.13
CA TRP F 96 5.57 15.90 -18.56
C TRP F 96 5.14 14.94 -19.68
N THR F 97 3.88 14.50 -19.66
CA THR F 97 3.23 13.75 -20.77
C THR F 97 1.81 14.26 -20.96
N PHE F 98 1.44 14.53 -22.21
CA PHE F 98 0.08 14.95 -22.64
C PHE F 98 -0.76 13.71 -22.91
N GLY F 99 -2.09 13.82 -22.74
CA GLY F 99 -3.07 12.86 -23.26
C GLY F 99 -3.09 12.90 -24.78
N GLY F 100 -3.67 11.87 -25.41
CA GLY F 100 -3.71 11.71 -26.88
C GLY F 100 -4.48 12.81 -27.60
N GLY F 101 -5.29 13.59 -26.86
CA GLY F 101 -6.12 14.68 -27.41
C GLY F 101 -7.49 14.18 -27.80
N THR F 102 -8.53 14.99 -27.52
CA THR F 102 -9.94 14.76 -27.93
C THR F 102 -10.34 15.88 -28.90
N LYS F 103 -10.64 15.55 -30.15
CA LYS F 103 -11.15 16.54 -31.15
C LYS F 103 -12.66 16.69 -30.96
N LEU F 104 -13.09 17.81 -30.36
CA LEU F 104 -14.53 18.13 -30.17
C LEU F 104 -15.11 18.64 -31.49
N GLU F 105 -16.37 18.31 -31.76
CA GLU F 105 -17.06 18.54 -33.06
C GLU F 105 -18.52 18.93 -32.79
N ILE F 106 -19.12 19.71 -33.70
CA ILE F 106 -20.59 20.02 -33.71
C ILE F 106 -21.31 18.89 -34.46
N LYS F 107 -22.32 18.27 -33.84
CA LYS F 107 -23.10 17.13 -34.39
C LYS F 107 -24.16 17.67 -35.36
ZN ZN G . 11.88 -7.51 33.80
C1 CLR H . -9.71 -8.37 34.29
C2 CLR H . -10.25 -8.81 35.66
C3 CLR H . -10.45 -7.57 36.53
C4 CLR H . -11.57 -6.73 35.90
C5 CLR H . -11.22 -6.36 34.46
C6 CLR H . -11.70 -5.23 34.01
C7 CLR H . -11.41 -4.65 32.64
C8 CLR H . -10.80 -5.65 31.64
C9 CLR H . -9.91 -6.70 32.38
C10 CLR H . -10.66 -7.41 33.53
C11 CLR H . -9.23 -7.63 31.38
C12 CLR H . -8.28 -6.81 30.47
C13 CLR H . -9.06 -5.76 29.67
C14 CLR H . -9.87 -4.88 30.71
C15 CLR H . -10.53 -3.83 29.80
C16 CLR H . -9.45 -3.58 28.70
C17 CLR H . -8.29 -4.58 29.06
C18 CLR H . -9.95 -6.49 28.63
C19 CLR H . -11.85 -8.23 32.99
C20 CLR H . -7.27 -4.99 27.97
C21 CLR H . -5.86 -4.48 28.32
C22 CLR H . -7.59 -4.56 26.53
C23 CLR H . -7.08 -5.65 25.59
C24 CLR H . -6.82 -5.11 24.19
C25 CLR H . -8.00 -4.39 23.53
C26 CLR H . -7.71 -4.45 22.03
C27 CLR H . -9.45 -4.89 23.74
O1 CLR H . -10.78 -7.98 37.86
C1 LBN I . -1.07 -13.41 33.56
N1 LBN I . -0.70 -10.25 38.71
P1 LBN I . -2.52 -11.21 33.91
C2 LBN I . -1.38 -14.87 33.24
C3 LBN I . -0.99 -15.76 34.43
C4 LBN I . 0.75 -17.96 24.35
C5 LBN I . -3.44 -19.76 23.04
C6 LBN I . -1.79 -10.57 37.74
O1 LBN I . -2.14 -12.62 33.10
C7 LBN I . 0.92 -16.46 23.94
C8 LBN I . -2.91 -19.93 21.59
C9 LBN I . -1.36 -10.61 36.24
O2 LBN I . -2.30 -11.40 35.55
C10 LBN I . 2.35 -15.99 24.28
C11 LBN I . -3.79 -20.96 20.85
C12 LBN I . -1.33 -9.96 39.98
O3 LBN I . -1.69 -10.07 33.36
C13 LBN I . 2.51 -14.52 23.81
C14 LBN I . -5.28 -20.53 20.88
C15 LBN I . 0.11 -9.15 38.25
O4 LBN I . -3.98 -10.94 33.66
C16 LBN I . 4.01 -14.23 23.69
C18 LBN I . 0.16 -11.41 38.92
C19 LBN I . 4.29 -12.72 23.53
C21 LBN I . 3.53 -12.07 22.36
C25 LBN I . -0.25 -18.05 34.55
O5 LBN I . -1.24 -17.12 34.12
C26 LBN I . 0.42 -19.02 33.53
O6 LBN I . 0.06 -18.12 35.69
C27 LBN I . -0.15 -18.80 32.11
C28 LBN I . 0.49 -19.82 31.12
C29 LBN I . 0.42 -19.30 29.66
C30 LBN I . -0.29 -20.34 28.72
C31 LBN I . -0.87 -19.64 27.45
C32 LBN I . 0.26 -19.37 26.42
C33 LBN I . -0.01 -18.01 25.71
C34 LBN I . -1.24 -14.93 30.85
O7 LBN I . -0.65 -15.25 32.11
C35 LBN I . -1.81 -16.09 29.99
O8 LBN I . -1.26 -13.81 30.45
C36 LBN I . -3.27 -15.82 29.53
C37 LBN I . -3.41 -16.16 28.01
C38 LBN I . -4.82 -15.77 27.51
C39 LBN I . -5.34 -16.82 26.49
C40 LBN I . -4.41 -16.95 25.26
C41 LBN I . -3.94 -18.41 25.07
C42 LBN I . -3.41 -18.56 23.63
ZN ZN J . -11.17 20.54 27.80
C1 CLR K . 10.39 21.65 27.64
C2 CLR K . 10.96 22.60 28.71
C3 CLR K . 11.17 21.83 30.01
C4 CLR K . 12.28 20.79 29.75
C5 CLR K . 11.91 19.87 28.60
C6 CLR K . 12.38 18.65 28.64
C7 CLR K . 12.07 17.57 27.64
C8 CLR K . 11.43 18.08 26.33
C9 CLR K . 10.56 19.34 26.59
C10 CLR K . 11.33 20.46 27.33
C11 CLR K . 9.85 19.78 25.29
C12 CLR K . 8.88 18.67 24.83
C13 CLR K . 9.66 17.38 24.51
C14 CLR K . 10.48 17.00 25.80
C15 CLR K . 11.13 15.65 25.39
C16 CLR K . 10.03 14.98 24.51
C17 CLR K . 8.87 16.05 24.46
C18 CLR K . 10.52 17.61 23.25
C19 CLR K . 12.51 20.97 26.47
C20 CLR K . 7.83 15.98 23.31
C21 CLR K . 6.43 15.66 23.87
C22 CLR K . 8.11 14.99 22.17
C23 CLR K . 7.59 15.61 20.88
C24 CLR K . 7.29 14.54 19.83
C25 CLR K . 8.46 13.61 19.49
C26 CLR K . 8.14 13.05 18.11
C27 CLR K . 9.91 14.15 19.46
O1 CLR K . 11.53 22.74 31.04
C1 LBN L . 1.72 25.98 25.09
N1 LBN L . 1.46 25.21 31.08
P1 LBN L . 3.19 24.09 26.27
C2 LBN L . 2.02 27.17 24.20
C3 LBN L . 1.65 28.47 24.92
C4 LBN L . -0.32 26.37 14.86
C5 LBN L . 3.84 27.46 12.84
C6 LBN L . 2.52 25.10 30.05
O1 LBN L . 2.78 25.06 24.98
C7 LBN L . -0.50 24.84 15.10
C8 LBN L . 3.28 27.01 11.47
C9 LBN L . 2.06 24.52 28.68
O2 LBN L . 3.00 24.94 27.70
C10 LBN L . -1.91 24.54 15.65
C11 LBN L . 4.14 27.64 10.34
C12 LBN L . 2.11 25.46 32.35
O3 LBN L . 2.36 22.83 26.26
C13 LBN L . -2.07 23.02 15.82
C14 LBN L . 5.63 27.26 10.52
C15 LBN L . 0.64 24.02 31.13
O4 LBN L . 4.64 23.73 26.14
C16 LBN L . -3.58 22.70 15.87
C18 LBN L . 0.61 26.36 30.82
C19 LBN L . -3.85 21.26 16.32
C21 LBN L . -3.12 20.19 15.50
C25 LBN L . 0.89 30.62 24.11
O5 LBN L . 1.89 29.58 24.08
C26 LBN L . 0.21 31.10 22.79
O6 LBN L . 0.59 31.14 25.14
C27 LBN L . 0.75 30.31 21.57
C28 LBN L . 0.09 30.84 20.28
C29 LBN L . 0.14 29.77 19.15
C30 LBN L . 0.81 30.32 17.86
C31 LBN L . 1.36 29.16 16.97
C32 LBN L . 0.21 28.49 16.17
C33 LBN L . 0.48 26.96 16.06
C34 LBN L . 1.83 26.26 21.99
O7 LBN L . 1.26 27.05 23.02
C35 LBN L . 2.37 26.96 20.72
O8 LBN L . 1.85 25.06 22.09
C36 LBN L . 3.82 26.51 20.37
C37 LBN L . 3.93 26.20 18.86
C38 LBN L . 5.33 25.63 18.52
C39 LBN L . 5.82 26.17 17.16
C40 LBN L . 4.86 25.79 16.00
C41 LBN L . 4.39 27.05 15.25
C42 LBN L . 3.81 26.61 13.87
#